data_5TPQ
#
_entry.id   5TPQ
#
_cell.length_a   160.720
_cell.length_b   160.720
_cell.length_c   138.360
_cell.angle_alpha   90.00
_cell.angle_beta   90.00
_cell.angle_gamma   120.00
#
_symmetry.space_group_name_H-M   'P 63 2 2'
#
loop_
_entity.id
_entity.type
_entity.pdbx_description
1 polymer 'Alkaline phosphatase'
2 non-polymer 'ZINC ION'
3 non-polymer 'PHOSPHATE ION'
4 water water
#
_entity_poly.entity_id   1
_entity_poly.type   'polypeptide(L)'
_entity_poly.pdbx_seq_one_letter_code
;ENRAAQGDITAPGGARRLTGDQTAALRDSLSDKPAKNIILLIGDGMGDSEITAARNYAEGAGGFFKGIDALPLTGQYTHY
ALNKKTGKPDYVTASAASATAWSTGVKTYNGALGVDIHEKDHPTILEMAKAAGLATGNVSTAELQAATPAALVAHVTSSK
CYGPSATSEKCPGNALEKGGKGSITEQLLNARADVTLGGGAKTFAETATAGEWQGKTLREQAQARGYQLVSDAASLNSVT
EANQQKPLLGLFADGNMPVRWLGPKATYHGNIDKPAVTCTPNPQRNDSVPTLAQMTDKAIELLSKNEKGFFLQVAGASID
AQDHAANPCGQIGETVDLDEAVQRALEFAKKEGNTLVIVTADHAHASQIVAPDTKAPGLTQALNTKDGAVMVMSYGNSEE
DSQEHTGSQLRIAAYGPHAANVVGLTDQTDLFYTMKAALGLKWSHP
;
_entity_poly.pdbx_strand_id   A,B
#
loop_
_chem_comp.id
_chem_comp.type
_chem_comp.name
_chem_comp.formula
PO4 non-polymer 'PHOSPHATE ION' 'O4 P -3'
ZN non-polymer 'ZINC ION' 'Zn 2'
#
# COMPACT_ATOMS: atom_id res chain seq x y z
N GLU A 1 11.66 -11.15 13.55
CA GLU A 1 12.81 -10.28 13.33
C GLU A 1 13.25 -10.32 11.87
N ASN A 2 13.09 -11.49 11.20
CA ASN A 2 13.39 -11.69 9.78
C ASN A 2 12.15 -12.13 8.99
N ARG A 3 11.86 -11.45 7.85
CA ARG A 3 10.71 -11.71 6.98
C ARG A 3 11.12 -12.04 5.53
N ALA A 4 12.27 -12.70 5.34
CA ALA A 4 12.73 -13.20 4.04
C ALA A 4 12.04 -14.54 3.74
N ALA A 5 12.02 -14.96 2.46
CA ALA A 5 11.46 -16.26 2.06
C ALA A 5 12.21 -17.40 2.75
N GLN A 6 11.46 -18.38 3.29
CA GLN A 6 11.91 -19.55 4.04
C GLN A 6 13.02 -20.34 3.31
N GLY A 7 12.78 -20.67 2.04
CA GLY A 7 13.73 -21.43 1.24
C GLY A 7 13.49 -21.40 -0.25
N ASP A 8 13.02 -22.51 -0.80
CA ASP A 8 12.78 -22.63 -2.23
C ASP A 8 11.42 -22.08 -2.57
N ILE A 9 11.40 -20.89 -3.16
CA ILE A 9 10.16 -20.20 -3.53
C ILE A 9 9.28 -21.02 -4.49
N THR A 10 9.87 -22.05 -5.16
CA THR A 10 9.14 -22.92 -6.09
C THR A 10 8.45 -24.09 -5.35
N ALA A 11 8.99 -24.48 -4.17
CA ALA A 11 8.48 -25.56 -3.32
C ALA A 11 7.33 -25.09 -2.43
N PRO A 12 6.43 -25.98 -1.93
CA PRO A 12 5.39 -25.52 -1.00
C PRO A 12 6.00 -24.90 0.26
N GLY A 13 5.54 -23.73 0.62
CA GLY A 13 6.01 -23.03 1.81
C GLY A 13 7.35 -22.35 1.72
N GLY A 14 8.07 -22.54 0.62
CA GLY A 14 9.40 -21.98 0.44
C GLY A 14 9.43 -20.47 0.32
N ALA A 15 8.28 -19.85 -0.05
CA ALA A 15 8.16 -18.39 -0.22
C ALA A 15 7.61 -17.68 1.06
N ARG A 16 7.20 -18.45 2.07
CA ARG A 16 6.72 -17.98 3.36
C ARG A 16 7.73 -17.05 4.01
N ARG A 17 7.24 -15.98 4.60
CA ARG A 17 8.07 -15.01 5.31
C ARG A 17 7.91 -15.24 6.80
N LEU A 18 6.86 -16.01 7.21
CA LEU A 18 6.56 -16.37 8.59
C LEU A 18 7.09 -17.73 8.95
N THR A 19 7.65 -17.88 10.16
CA THR A 19 8.22 -19.17 10.60
C THR A 19 7.24 -19.92 11.51
N GLY A 20 6.30 -19.19 12.11
CA GLY A 20 5.26 -19.70 12.99
C GLY A 20 4.18 -18.66 13.25
N ASP A 21 3.40 -18.86 14.34
CA ASP A 21 2.33 -17.95 14.73
C ASP A 21 2.90 -16.65 15.28
N GLN A 22 2.33 -15.50 14.87
CA GLN A 22 2.81 -14.16 15.24
C GLN A 22 2.05 -13.49 16.39
N THR A 23 1.02 -14.16 16.96
CA THR A 23 0.19 -13.59 18.02
C THR A 23 1.04 -13.17 19.25
N ALA A 24 1.80 -14.11 19.83
CA ALA A 24 2.66 -13.89 21.00
C ALA A 24 3.68 -12.75 20.78
N ALA A 25 4.40 -12.75 19.63
CA ALA A 25 5.42 -11.77 19.27
C ALA A 25 4.82 -10.39 19.10
N LEU A 26 3.60 -10.30 18.53
CA LEU A 26 2.92 -9.01 18.35
C LEU A 26 2.40 -8.51 19.69
N ARG A 27 2.00 -9.42 20.60
CA ARG A 27 1.58 -9.05 21.95
C ARG A 27 2.74 -8.38 22.69
N ASP A 28 3.96 -8.93 22.54
CA ASP A 28 5.17 -8.41 23.18
C ASP A 28 5.63 -7.10 22.54
N SER A 29 5.27 -6.85 21.27
CA SER A 29 5.65 -5.62 20.57
C SER A 29 4.82 -4.42 21.03
N LEU A 30 3.70 -4.69 21.74
CA LEU A 30 2.74 -3.69 22.18
C LEU A 30 3.08 -3.16 23.56
N SER A 31 3.44 -1.86 23.60
CA SER A 31 3.81 -1.16 24.81
C SER A 31 3.04 0.17 24.98
N ASP A 32 2.38 0.30 26.15
CA ASP A 32 1.61 1.46 26.62
C ASP A 32 2.54 2.47 27.32
N LYS A 33 3.81 2.05 27.58
CA LYS A 33 4.87 2.83 28.23
C LYS A 33 5.26 4.05 27.36
N PRO A 34 5.86 5.12 27.93
CA PRO A 34 6.14 6.29 27.11
C PRO A 34 7.47 6.20 26.36
N ALA A 35 7.54 6.95 25.25
CA ALA A 35 8.75 7.03 24.46
C ALA A 35 9.67 8.10 24.98
N LYS A 36 10.94 7.76 25.22
CA LYS A 36 11.93 8.74 25.64
C LYS A 36 12.38 9.47 24.36
N ASN A 37 12.47 8.72 23.24
CA ASN A 37 12.89 9.27 21.96
C ASN A 37 12.02 8.82 20.83
N ILE A 38 11.98 9.59 19.74
CA ILE A 38 11.27 9.21 18.52
C ILE A 38 12.21 9.40 17.38
N ILE A 39 12.23 8.47 16.44
CA ILE A 39 12.98 8.62 15.22
C ILE A 39 12.02 8.42 14.11
N LEU A 40 11.66 9.51 13.41
CA LEU A 40 10.72 9.48 12.29
C LEU A 40 11.52 9.48 10.99
N LEU A 41 11.37 8.41 10.19
CA LEU A 41 12.09 8.32 8.93
C LEU A 41 11.09 8.41 7.78
N ILE A 42 11.29 9.39 6.90
CA ILE A 42 10.40 9.68 5.77
C ILE A 42 11.12 9.39 4.45
N GLY A 43 10.50 8.53 3.65
CA GLY A 43 10.97 8.26 2.30
C GLY A 43 10.05 9.11 1.46
N ASP A 44 10.57 10.24 0.91
CA ASP A 44 9.74 11.17 0.12
C ASP A 44 9.25 10.43 -1.13
N GLY A 45 7.94 10.29 -1.24
CA GLY A 45 7.31 9.62 -2.37
C GLY A 45 7.43 8.11 -2.35
N MET A 46 7.90 7.53 -1.20
CA MET A 46 8.12 6.11 -1.04
C MET A 46 6.79 5.36 -0.73
N GLY A 47 5.97 5.19 -1.78
CA GLY A 47 4.73 4.43 -1.73
C GLY A 47 5.06 2.95 -1.68
N ASP A 48 4.05 2.09 -1.53
CA ASP A 48 4.26 0.64 -1.47
C ASP A 48 4.93 0.12 -2.74
N SER A 49 4.63 0.73 -3.91
CA SER A 49 5.27 0.41 -5.21
C SER A 49 6.77 0.68 -5.17
N GLU A 50 7.20 1.82 -4.58
CA GLU A 50 8.63 2.17 -4.45
C GLU A 50 9.35 1.18 -3.55
N ILE A 51 8.71 0.75 -2.42
CA ILE A 51 9.32 -0.23 -1.51
C ILE A 51 9.54 -1.55 -2.25
N THR A 52 8.48 -2.06 -2.94
CA THR A 52 8.51 -3.33 -3.67
C THR A 52 9.55 -3.27 -4.79
N ALA A 53 9.52 -2.24 -5.66
CA ALA A 53 10.49 -2.09 -6.77
C ALA A 53 11.95 -2.21 -6.27
N ALA A 54 12.27 -1.50 -5.19
CA ALA A 54 13.59 -1.48 -4.55
C ALA A 54 13.96 -2.85 -3.98
N ARG A 55 13.06 -3.46 -3.17
CA ARG A 55 13.29 -4.80 -2.60
C ARG A 55 13.53 -5.78 -3.74
N ASN A 56 12.58 -5.91 -4.72
CA ASN A 56 12.74 -6.76 -5.90
C ASN A 56 14.14 -6.57 -6.55
N TYR A 57 14.57 -5.33 -6.76
CA TYR A 57 15.87 -5.06 -7.38
C TYR A 57 17.06 -5.44 -6.46
N ALA A 58 17.20 -4.78 -5.32
CA ALA A 58 18.36 -4.91 -4.46
C ALA A 58 18.39 -6.20 -3.60
N GLU A 59 17.24 -6.75 -3.20
CA GLU A 59 17.23 -7.90 -2.29
C GLU A 59 16.56 -9.16 -2.86
N GLY A 60 15.96 -9.04 -4.03
CA GLY A 60 15.19 -10.12 -4.62
C GLY A 60 13.76 -10.05 -4.10
N ALA A 61 12.79 -10.58 -4.86
CA ALA A 61 11.37 -10.58 -4.50
C ALA A 61 11.11 -11.26 -3.12
N GLY A 62 11.82 -12.34 -2.85
CA GLY A 62 11.71 -13.07 -1.58
C GLY A 62 12.67 -12.50 -0.55
N GLY A 63 13.30 -11.38 -0.91
CA GLY A 63 14.23 -10.66 -0.07
C GLY A 63 13.54 -9.89 1.04
N PHE A 64 14.34 -9.09 1.74
CA PHE A 64 13.86 -8.38 2.91
C PHE A 64 14.75 -7.19 3.21
N PHE A 65 14.14 -6.04 3.51
CA PHE A 65 14.88 -4.85 3.91
C PHE A 65 15.07 -4.98 5.41
N LYS A 66 16.34 -5.09 5.85
CA LYS A 66 16.72 -5.26 7.27
C LYS A 66 16.29 -4.07 8.11
N GLY A 67 15.99 -2.97 7.43
CA GLY A 67 15.49 -1.74 8.01
C GLY A 67 14.00 -1.58 7.78
N ILE A 68 13.65 -1.12 6.55
CA ILE A 68 12.28 -0.78 6.09
C ILE A 68 11.25 -1.90 6.42
N ASP A 69 11.58 -3.18 6.19
CA ASP A 69 10.61 -4.24 6.43
C ASP A 69 10.68 -4.87 7.84
N ALA A 70 11.62 -4.42 8.70
CA ALA A 70 11.82 -5.00 10.03
C ALA A 70 10.93 -4.39 11.13
N LEU A 71 10.04 -3.46 10.78
CA LEU A 71 9.16 -2.80 11.74
C LEU A 71 7.87 -3.64 11.88
N PRO A 72 7.64 -4.19 13.10
CA PRO A 72 6.54 -5.14 13.29
C PRO A 72 5.11 -4.59 13.20
N LEU A 73 4.87 -3.36 13.62
CA LEU A 73 3.51 -2.83 13.61
C LEU A 73 3.31 -1.97 12.37
N THR A 74 2.31 -2.34 11.55
CA THR A 74 2.08 -1.72 10.25
C THR A 74 0.64 -1.35 9.98
N GLY A 75 0.47 -0.36 9.11
CA GLY A 75 -0.84 0.08 8.66
C GLY A 75 -0.72 0.89 7.40
N GLN A 76 -1.85 1.47 6.98
CA GLN A 76 -1.97 2.34 5.82
C GLN A 76 -2.49 3.69 6.27
N TYR A 77 -1.91 4.79 5.74
CA TYR A 77 -2.43 6.09 6.15
C TYR A 77 -2.69 6.99 4.94
N THR A 78 -3.63 7.91 5.11
CA THR A 78 -4.10 8.82 4.06
C THR A 78 -3.40 10.19 4.20
N HIS A 79 -3.04 10.78 3.06
CA HIS A 79 -2.25 11.99 3.06
C HIS A 79 -2.81 13.09 2.16
N TYR A 80 -4.13 13.04 1.84
CA TYR A 80 -4.73 14.12 1.04
C TYR A 80 -4.50 15.51 1.69
N ALA A 81 -4.33 16.54 0.84
CA ALA A 81 -4.20 17.91 1.25
C ALA A 81 -5.58 18.57 1.09
N LEU A 82 -5.63 19.90 1.19
CA LEU A 82 -6.86 20.64 1.03
C LEU A 82 -6.70 21.64 -0.06
N ASN A 83 -7.83 22.04 -0.65
CA ASN A 83 -7.92 23.14 -1.63
C ASN A 83 -8.02 24.39 -0.79
N LYS A 84 -7.09 25.36 -0.93
CA LYS A 84 -7.05 26.57 -0.08
C LYS A 84 -8.34 27.41 -0.13
N LYS A 85 -8.93 27.56 -1.30
CA LYS A 85 -10.14 28.36 -1.45
C LYS A 85 -11.37 27.66 -0.83
N THR A 86 -11.62 26.36 -1.13
CA THR A 86 -12.81 25.63 -0.68
C THR A 86 -12.69 24.90 0.68
N GLY A 87 -11.47 24.53 1.05
CA GLY A 87 -11.22 23.77 2.28
C GLY A 87 -11.57 22.30 2.11
N LYS A 88 -11.97 21.90 0.87
CA LYS A 88 -12.31 20.53 0.47
C LYS A 88 -11.01 19.74 0.21
N PRO A 89 -11.04 18.38 0.23
CA PRO A 89 -9.80 17.64 -0.01
C PRO A 89 -9.27 17.82 -1.43
N ASP A 90 -7.96 17.77 -1.53
CA ASP A 90 -7.11 17.73 -2.71
C ASP A 90 -6.41 16.41 -2.53
N TYR A 91 -6.88 15.40 -3.27
CA TYR A 91 -6.52 14.00 -3.18
C TYR A 91 -5.05 13.71 -3.42
N VAL A 92 -4.30 14.65 -4.03
CA VAL A 92 -2.87 14.39 -4.27
C VAL A 92 -2.08 15.53 -3.63
N THR A 93 -1.41 15.22 -2.51
CA THR A 93 -0.65 16.23 -1.78
C THR A 93 0.72 16.41 -2.37
N ALA A 94 1.28 17.57 -2.13
CA ALA A 94 2.65 17.89 -2.47
C ALA A 94 3.43 17.57 -1.20
N SER A 95 4.72 17.69 -1.23
CA SER A 95 5.57 17.28 -0.11
C SER A 95 5.39 18.19 1.13
N ALA A 96 5.23 19.50 0.94
CA ALA A 96 5.11 20.49 2.02
C ALA A 96 3.79 20.40 2.81
N ALA A 97 2.62 20.31 2.10
CA ALA A 97 1.33 20.18 2.78
C ALA A 97 1.31 18.91 3.66
N SER A 98 1.86 17.80 3.14
CA SER A 98 1.97 16.50 3.83
C SER A 98 2.95 16.54 5.00
N ALA A 99 4.09 17.21 4.84
CA ALA A 99 5.05 17.37 5.95
C ALA A 99 4.43 18.21 7.09
N THR A 100 3.62 19.23 6.76
CA THR A 100 2.91 20.10 7.71
C THR A 100 1.88 19.27 8.50
N ALA A 101 1.19 18.33 7.83
CA ALA A 101 0.17 17.49 8.45
C ALA A 101 0.73 16.63 9.60
N TRP A 102 1.86 15.89 9.39
CA TRP A 102 2.41 15.08 10.49
C TRP A 102 3.19 15.92 11.50
N SER A 103 3.74 17.09 11.11
CA SER A 103 4.54 17.88 12.03
C SER A 103 3.70 18.83 12.88
N THR A 104 2.44 19.19 12.48
CA THR A 104 1.55 20.08 13.26
C THR A 104 0.16 19.46 13.59
N GLY A 105 -0.23 18.40 12.89
CA GLY A 105 -1.53 17.78 13.08
C GLY A 105 -2.67 18.54 12.43
N VAL A 106 -2.32 19.47 11.51
CA VAL A 106 -3.31 20.28 10.78
C VAL A 106 -3.10 20.04 9.27
N LYS A 107 -4.18 19.83 8.53
CA LYS A 107 -4.10 19.67 7.08
C LYS A 107 -3.86 21.03 6.47
N THR A 108 -3.34 21.09 5.24
CA THR A 108 -3.14 22.38 4.61
C THR A 108 -3.18 22.24 3.09
N TYR A 109 -2.99 23.37 2.41
CA TYR A 109 -3.03 23.46 0.96
C TYR A 109 -1.64 23.23 0.35
N ASN A 110 -1.61 22.77 -0.91
CA ASN A 110 -0.39 22.50 -1.68
C ASN A 110 0.34 23.82 -1.92
N GLY A 111 1.45 23.97 -1.21
CA GLY A 111 2.24 25.21 -1.24
C GLY A 111 2.60 25.64 0.17
N ALA A 112 1.65 25.48 1.08
CA ALA A 112 1.82 25.83 2.49
C ALA A 112 2.90 25.02 3.17
N LEU A 113 3.62 25.64 4.12
CA LEU A 113 4.65 25.02 4.95
C LEU A 113 4.51 25.56 6.36
N GLY A 114 4.04 24.71 7.26
CA GLY A 114 3.85 25.05 8.67
C GLY A 114 2.69 25.99 8.96
N VAL A 115 1.78 26.16 7.99
CA VAL A 115 0.61 27.06 8.14
C VAL A 115 -0.63 26.31 7.62
N ASP A 116 -1.79 26.64 8.16
CA ASP A 116 -3.07 26.03 7.79
C ASP A 116 -3.67 26.78 6.56
N ILE A 117 -4.87 26.37 6.08
CA ILE A 117 -5.48 27.03 4.91
C ILE A 117 -5.81 28.50 5.14
N HIS A 118 -5.81 28.98 6.39
CA HIS A 118 -6.07 30.39 6.71
C HIS A 118 -4.76 31.17 6.78
N GLU A 119 -3.60 30.47 6.53
CA GLU A 119 -2.20 30.96 6.58
C GLU A 119 -1.77 31.22 8.04
N LYS A 120 -2.47 30.56 8.98
CA LYS A 120 -2.21 30.69 10.41
C LYS A 120 -1.17 29.64 10.79
N ASP A 121 -0.08 30.08 11.41
CA ASP A 121 1.00 29.19 11.80
C ASP A 121 0.65 28.31 13.03
N HIS A 122 1.12 27.06 13.04
CA HIS A 122 0.87 26.12 14.13
C HIS A 122 2.18 25.51 14.64
N PRO A 123 2.33 25.28 15.97
CA PRO A 123 3.60 24.69 16.46
C PRO A 123 3.87 23.31 15.89
N THR A 124 5.14 23.03 15.64
CA THR A 124 5.52 21.73 15.13
C THR A 124 5.99 20.83 16.25
N ILE A 125 5.99 19.51 16.01
CA ILE A 125 6.44 18.47 16.94
C ILE A 125 7.90 18.78 17.38
N LEU A 126 8.76 19.27 16.46
CA LEU A 126 10.13 19.66 16.78
C LEU A 126 10.15 20.83 17.80
N GLU A 127 9.28 21.82 17.59
CA GLU A 127 9.17 23.01 18.46
C GLU A 127 8.72 22.62 19.88
N MET A 128 7.72 21.73 19.99
CA MET A 128 7.20 21.29 21.28
C MET A 128 8.21 20.41 22.03
N ALA A 129 8.94 19.54 21.29
CA ALA A 129 9.98 18.68 21.87
C ALA A 129 11.09 19.56 22.44
N LYS A 130 11.41 20.66 21.73
CA LYS A 130 12.41 21.65 22.14
C LYS A 130 11.92 22.42 23.38
N ALA A 131 10.61 22.71 23.44
CA ALA A 131 9.95 23.44 24.54
C ALA A 131 9.99 22.61 25.84
N ALA A 132 9.90 21.26 25.73
CA ALA A 132 9.90 20.33 26.87
C ALA A 132 11.33 19.95 27.32
N GLY A 133 12.34 20.48 26.63
CA GLY A 133 13.74 20.28 26.96
C GLY A 133 14.41 19.11 26.31
N LEU A 134 13.81 18.62 25.23
CA LEU A 134 14.38 17.49 24.50
C LEU A 134 15.32 17.99 23.42
N ALA A 135 16.30 17.14 23.04
CA ALA A 135 17.19 17.42 21.92
C ALA A 135 16.41 17.22 20.61
N THR A 136 16.77 17.99 19.57
CA THR A 136 16.06 17.97 18.31
C THR A 136 17.02 17.85 17.15
N GLY A 137 16.67 16.96 16.24
CA GLY A 137 17.43 16.63 15.05
C GLY A 137 16.59 16.64 13.79
N ASN A 138 17.15 17.20 12.73
CA ASN A 138 16.53 17.36 11.44
C ASN A 138 17.55 17.05 10.38
N VAL A 139 17.41 15.87 9.79
CA VAL A 139 18.34 15.37 8.79
C VAL A 139 17.61 15.07 7.48
N SER A 140 18.25 15.46 6.37
CA SER A 140 17.78 15.21 5.03
C SER A 140 18.95 15.04 4.03
N THR A 141 18.66 14.37 2.92
CA THR A 141 19.59 14.15 1.81
C THR A 141 19.41 15.26 0.75
N ALA A 142 18.37 16.10 0.91
CA ALA A 142 18.10 17.21 -0.02
C ALA A 142 18.28 18.56 0.69
N GLU A 143 17.88 19.67 0.02
CA GLU A 143 18.00 21.03 0.56
C GLU A 143 17.23 21.15 1.87
N LEU A 144 17.88 21.74 2.90
CA LEU A 144 17.24 21.91 4.20
C LEU A 144 15.98 22.83 4.13
N GLN A 145 15.90 23.65 3.06
CA GLN A 145 14.76 24.53 2.82
C GLN A 145 13.61 23.79 2.14
N ALA A 146 13.85 22.57 1.64
CA ALA A 146 12.80 21.76 0.99
C ALA A 146 11.81 21.24 2.02
N ALA A 147 10.62 20.94 1.54
CA ALA A 147 9.44 20.53 2.30
C ALA A 147 9.68 19.75 3.62
N THR A 148 10.16 18.49 3.55
CA THR A 148 10.28 17.61 4.72
C THR A 148 11.11 18.23 5.89
N PRO A 149 12.40 18.62 5.76
CA PRO A 149 13.08 19.21 6.91
C PRO A 149 12.53 20.59 7.24
N ALA A 150 11.99 21.33 6.23
CA ALA A 150 11.49 22.69 6.45
C ALA A 150 10.19 22.75 7.28
N ALA A 151 9.28 21.78 7.10
CA ALA A 151 8.00 21.74 7.82
C ALA A 151 8.17 21.73 9.34
N LEU A 152 9.35 21.31 9.86
CA LEU A 152 9.59 21.25 11.29
C LEU A 152 10.03 22.58 11.87
N VAL A 153 10.60 23.50 11.05
CA VAL A 153 11.23 24.73 11.56
C VAL A 153 10.73 26.04 10.92
N ALA A 154 9.84 25.97 9.95
CA ALA A 154 9.36 27.18 9.30
C ALA A 154 7.86 27.18 9.06
N HIS A 155 7.30 28.39 9.05
CA HIS A 155 5.90 28.73 8.77
C HIS A 155 5.88 29.76 7.64
N VAL A 156 5.62 29.32 6.40
CA VAL A 156 5.53 30.20 5.22
C VAL A 156 4.30 29.78 4.39
N THR A 157 3.78 30.73 3.60
CA THR A 157 2.55 30.57 2.81
C THR A 157 2.86 29.94 1.45
N SER A 158 4.14 29.85 1.12
CA SER A 158 4.67 29.25 -0.10
C SER A 158 5.98 28.57 0.25
N SER A 159 6.07 27.28 -0.05
CA SER A 159 7.24 26.44 0.21
C SER A 159 8.46 26.89 -0.63
N LYS A 160 8.25 27.82 -1.58
CA LYS A 160 9.30 28.33 -2.44
C LYS A 160 10.12 29.46 -1.77
N CYS A 161 9.71 29.91 -0.57
CA CYS A 161 10.28 31.02 0.21
C CYS A 161 11.52 30.60 1.06
N TYR A 162 12.53 30.08 0.35
CA TYR A 162 13.80 29.53 0.81
C TYR A 162 14.65 30.56 1.56
N GLY A 163 14.90 31.67 0.89
CA GLY A 163 15.70 32.77 1.39
C GLY A 163 14.99 34.10 1.33
N PRO A 164 15.64 35.18 1.81
CA PRO A 164 14.99 36.51 1.82
C PRO A 164 14.53 37.01 0.46
N SER A 165 15.23 36.64 -0.61
CA SER A 165 14.94 37.07 -1.97
C SER A 165 13.57 36.60 -2.44
N ALA A 166 13.32 35.28 -2.34
CA ALA A 166 12.07 34.65 -2.78
C ALA A 166 10.91 34.98 -1.86
N THR A 167 11.20 35.13 -0.55
CA THR A 167 10.21 35.44 0.47
C THR A 167 9.58 36.81 0.26
N SER A 168 10.39 37.87 0.08
CA SER A 168 9.87 39.25 -0.10
C SER A 168 8.89 39.31 -1.27
N GLU A 169 9.20 38.58 -2.34
CA GLU A 169 8.46 38.49 -3.59
C GLU A 169 7.21 37.56 -3.51
N LYS A 170 7.32 36.34 -2.93
CA LYS A 170 6.23 35.35 -2.94
C LYS A 170 5.46 35.15 -1.61
N CYS A 171 6.07 35.54 -0.48
CA CYS A 171 5.46 35.46 0.87
C CYS A 171 5.62 36.83 1.51
N PRO A 172 4.98 37.90 0.96
CA PRO A 172 5.19 39.23 1.55
C PRO A 172 4.79 39.31 3.01
N GLY A 173 3.81 38.49 3.41
CA GLY A 173 3.32 38.40 4.77
C GLY A 173 4.33 37.85 5.76
N ASN A 174 5.22 36.94 5.28
CA ASN A 174 6.24 36.27 6.11
C ASN A 174 7.62 36.95 6.02
N ALA A 175 7.84 37.86 5.03
CA ALA A 175 9.10 38.59 4.83
C ALA A 175 9.46 39.39 6.08
N LEU A 176 10.70 39.18 6.58
CA LEU A 176 11.23 39.79 7.79
C LEU A 176 11.05 41.31 7.81
N GLU A 177 11.43 41.98 6.71
CA GLU A 177 11.34 43.44 6.53
C GLU A 177 9.89 43.94 6.51
N LYS A 178 8.91 43.01 6.44
CA LYS A 178 7.48 43.37 6.43
C LYS A 178 6.80 42.92 7.74
N GLY A 179 7.59 42.69 8.79
CA GLY A 179 7.08 42.26 10.08
C GLY A 179 6.90 40.76 10.28
N GLY A 180 7.18 39.97 9.23
CA GLY A 180 7.06 38.51 9.26
C GLY A 180 8.19 37.77 9.99
N LYS A 181 8.01 36.44 10.21
CA LYS A 181 9.01 35.61 10.91
C LYS A 181 10.28 35.36 10.07
N GLY A 182 10.15 35.51 8.75
CA GLY A 182 11.26 35.37 7.81
C GLY A 182 11.13 34.23 6.81
N SER A 183 12.19 34.04 6.02
CA SER A 183 12.30 32.96 5.06
C SER A 183 12.44 31.66 5.81
N ILE A 184 12.34 30.54 5.09
CA ILE A 184 12.48 29.21 5.67
C ILE A 184 13.83 29.14 6.43
N THR A 185 14.94 29.58 5.80
CA THR A 185 16.28 29.56 6.36
C THR A 185 16.37 30.47 7.57
N GLU A 186 15.72 31.62 7.53
CA GLU A 186 15.79 32.55 8.66
C GLU A 186 15.07 31.95 9.83
N GLN A 187 13.93 31.29 9.58
CA GLN A 187 13.12 30.62 10.59
C GLN A 187 13.83 29.38 11.13
N LEU A 188 14.57 28.67 10.27
CA LEU A 188 15.36 27.47 10.60
C LEU A 188 16.43 27.84 11.63
N LEU A 189 17.15 28.95 11.40
CA LEU A 189 18.20 29.44 12.27
C LEU A 189 17.62 29.91 13.61
N ASN A 190 16.38 30.41 13.58
CA ASN A 190 15.66 30.86 14.77
C ASN A 190 15.22 29.68 15.62
N ALA A 191 14.73 28.60 14.95
CA ALA A 191 14.22 27.36 15.55
C ALA A 191 15.29 26.66 16.37
N ARG A 192 16.57 26.84 15.99
CA ARG A 192 17.76 26.33 16.67
C ARG A 192 17.65 24.86 17.06
N ALA A 193 17.42 23.97 16.07
CA ALA A 193 17.46 22.53 16.39
C ALA A 193 18.91 22.22 16.79
N ASP A 194 19.11 21.21 17.66
CA ASP A 194 20.45 20.83 18.13
C ASP A 194 21.28 20.27 16.99
N VAL A 195 20.65 19.49 16.08
CA VAL A 195 21.32 18.87 14.93
C VAL A 195 20.49 19.11 13.64
N THR A 196 21.10 19.77 12.66
CA THR A 196 20.47 20.03 11.37
C THR A 196 21.48 19.64 10.31
N LEU A 197 21.15 18.65 9.49
CA LEU A 197 22.07 18.16 8.46
C LEU A 197 21.35 17.95 7.16
N GLY A 198 21.95 18.44 6.09
CA GLY A 198 21.42 18.30 4.74
C GLY A 198 22.15 19.13 3.70
N GLY A 199 21.40 19.52 2.66
CA GLY A 199 21.87 20.36 1.57
C GLY A 199 21.31 21.74 1.68
N GLY A 200 21.31 22.47 0.58
CA GLY A 200 20.75 23.83 0.56
C GLY A 200 21.71 24.91 1.08
N ALA A 201 23.01 24.73 0.81
CA ALA A 201 24.04 25.68 1.21
C ALA A 201 23.94 27.00 0.45
N LYS A 202 23.47 26.97 -0.81
CA LYS A 202 23.37 28.15 -1.69
C LYS A 202 22.49 29.25 -1.12
N THR A 203 21.39 28.92 -0.40
CA THR A 203 20.50 29.93 0.18
C THR A 203 21.20 30.64 1.37
N PHE A 204 22.13 29.95 2.05
CA PHE A 204 22.86 30.54 3.17
C PHE A 204 23.85 31.61 2.69
N ALA A 205 23.99 31.77 1.37
CA ALA A 205 24.86 32.78 0.78
C ALA A 205 24.16 34.12 0.73
N GLU A 206 22.80 34.10 0.65
CA GLU A 206 21.94 35.27 0.64
C GLU A 206 22.10 36.10 1.91
N THR A 207 21.89 37.43 1.83
CA THR A 207 22.00 38.30 3.00
C THR A 207 20.61 38.71 3.48
N ALA A 208 20.45 38.99 4.80
CA ALA A 208 19.16 39.46 5.35
C ALA A 208 18.95 40.92 5.05
N THR A 209 17.72 41.24 4.62
CA THR A 209 17.28 42.59 4.23
C THR A 209 16.98 43.46 5.45
N ALA A 210 16.64 42.83 6.59
CA ALA A 210 16.24 43.48 7.84
C ALA A 210 16.66 42.63 9.05
N GLY A 211 16.22 43.00 10.26
CA GLY A 211 16.49 42.25 11.47
C GLY A 211 17.86 42.46 12.08
N GLU A 212 18.15 41.66 13.12
CA GLU A 212 19.36 41.74 13.92
C GLU A 212 20.66 41.48 13.12
N TRP A 213 20.61 40.63 12.07
CA TRP A 213 21.80 40.29 11.28
C TRP A 213 21.64 40.77 9.83
N GLN A 214 21.09 41.98 9.67
CA GLN A 214 20.90 42.64 8.38
C GLN A 214 22.24 42.92 7.73
N GLY A 215 22.32 42.65 6.42
CA GLY A 215 23.50 42.88 5.61
C GLY A 215 24.57 41.81 5.67
N LYS A 216 24.36 40.79 6.54
CA LYS A 216 25.24 39.63 6.69
C LYS A 216 24.57 38.44 6.07
N THR A 217 25.35 37.56 5.44
CA THR A 217 24.87 36.33 4.80
C THR A 217 24.24 35.42 5.87
N LEU A 218 23.28 34.59 5.49
CA LEU A 218 22.60 33.71 6.44
C LEU A 218 23.60 32.71 7.10
N ARG A 219 24.71 32.38 6.39
CA ARG A 219 25.84 31.55 6.82
C ARG A 219 26.59 32.28 7.96
N GLU A 220 26.80 33.60 7.79
CA GLU A 220 27.46 34.46 8.76
C GLU A 220 26.56 34.64 10.00
N GLN A 221 25.22 34.68 9.80
CA GLN A 221 24.23 34.82 10.87
C GLN A 221 24.35 33.61 11.79
N ALA A 222 24.40 32.38 11.19
CA ALA A 222 24.53 31.10 11.89
C ALA A 222 25.79 31.07 12.76
N GLN A 223 26.90 31.54 12.20
CA GLN A 223 28.18 31.58 12.88
C GLN A 223 28.10 32.52 14.06
N ALA A 224 27.48 33.70 13.87
CA ALA A 224 27.29 34.74 14.88
C ALA A 224 26.32 34.30 15.99
N ARG A 225 25.45 33.30 15.72
CA ARG A 225 24.50 32.80 16.71
C ARG A 225 25.03 31.50 17.35
N GLY A 226 26.34 31.30 17.35
CA GLY A 226 27.01 30.18 18.00
C GLY A 226 26.91 28.80 17.37
N TYR A 227 26.46 28.71 16.11
CA TYR A 227 26.36 27.41 15.40
C TYR A 227 27.72 26.83 15.01
N GLN A 228 27.74 25.52 14.82
CA GLN A 228 28.88 24.75 14.31
C GLN A 228 28.59 24.45 12.85
N LEU A 229 29.47 24.86 11.92
CA LEU A 229 29.20 24.59 10.50
C LEU A 229 30.11 23.48 9.95
N VAL A 230 29.50 22.39 9.48
CA VAL A 230 30.22 21.27 8.87
C VAL A 230 29.73 21.12 7.42
N SER A 231 30.63 20.72 6.50
CA SER A 231 30.32 20.64 5.07
C SER A 231 30.74 19.31 4.42
N ASP A 232 31.38 18.38 5.16
CA ASP A 232 31.78 17.07 4.62
C ASP A 232 31.76 16.01 5.73
N ALA A 233 32.02 14.73 5.37
CA ALA A 233 31.95 13.60 6.28
C ALA A 233 33.02 13.67 7.38
N ALA A 234 34.23 14.12 7.03
CA ALA A 234 35.33 14.24 7.97
C ALA A 234 35.01 15.25 9.08
N SER A 235 34.48 16.41 8.71
CA SER A 235 34.12 17.46 9.66
C SER A 235 32.92 17.02 10.50
N LEU A 236 31.89 16.39 9.88
CA LEU A 236 30.74 15.89 10.63
C LEU A 236 31.22 15.01 11.77
N ASN A 237 32.14 14.08 11.44
CA ASN A 237 32.72 13.13 12.40
C ASN A 237 33.42 13.81 13.57
N SER A 238 34.14 14.91 13.32
CA SER A 238 34.91 15.69 14.30
C SER A 238 34.05 16.36 15.39
N VAL A 239 32.72 16.50 15.16
CA VAL A 239 31.78 17.12 16.11
C VAL A 239 31.64 16.20 17.34
N THR A 240 31.63 16.79 18.55
CA THR A 240 31.54 16.06 19.80
C THR A 240 30.31 16.41 20.65
N GLU A 241 29.83 17.69 20.67
CA GLU A 241 28.74 18.11 21.57
C GLU A 241 27.31 18.16 20.99
N ALA A 242 26.97 19.24 20.23
CA ALA A 242 25.65 19.57 19.65
C ALA A 242 24.50 19.74 20.69
N ASN A 243 24.40 20.96 21.25
CA ASN A 243 23.38 21.39 22.23
C ASN A 243 22.87 22.80 21.87
N GLN A 244 22.13 23.46 22.78
CA GLN A 244 21.60 24.81 22.54
C GLN A 244 22.71 25.86 22.54
N GLN A 245 23.86 25.57 23.18
CA GLN A 245 24.98 26.51 23.29
C GLN A 245 25.81 26.48 21.99
N LYS A 246 26.07 25.26 21.48
CA LYS A 246 26.81 24.97 20.26
C LYS A 246 25.95 24.09 19.34
N PRO A 247 24.90 24.64 18.67
CA PRO A 247 24.08 23.80 17.76
C PRO A 247 24.88 23.38 16.52
N LEU A 248 24.44 22.35 15.82
CA LEU A 248 25.19 21.94 14.66
C LEU A 248 24.38 22.08 13.38
N LEU A 249 25.02 22.66 12.38
CA LEU A 249 24.47 22.85 11.06
C LEU A 249 25.42 22.24 10.02
N GLY A 250 24.91 21.24 9.32
CA GLY A 250 25.64 20.53 8.28
C GLY A 250 25.10 20.82 6.91
N LEU A 251 25.96 21.38 6.04
CA LEU A 251 25.60 21.76 4.67
C LEU A 251 26.53 21.02 3.72
N PHE A 252 26.03 19.92 3.14
CA PHE A 252 26.81 19.00 2.35
C PHE A 252 26.64 19.12 0.82
N ALA A 253 25.81 20.08 0.37
CA ALA A 253 25.62 20.37 -1.05
C ALA A 253 25.07 21.75 -1.22
N ASP A 254 25.29 22.35 -2.41
CA ASP A 254 24.70 23.66 -2.74
C ASP A 254 23.17 23.50 -2.75
N GLY A 255 22.72 22.45 -3.42
CA GLY A 255 21.32 22.06 -3.47
C GLY A 255 21.18 20.67 -2.90
N ASN A 256 20.60 19.78 -3.68
CA ASN A 256 20.39 18.38 -3.29
C ASN A 256 21.71 17.63 -3.34
N MET A 257 21.93 16.75 -2.37
CA MET A 257 23.13 15.93 -2.34
C MET A 257 23.02 14.88 -3.45
N PRO A 258 24.14 14.60 -4.17
CA PRO A 258 24.09 13.65 -5.30
C PRO A 258 23.57 12.26 -4.91
N VAL A 259 22.76 11.63 -5.77
CA VAL A 259 22.20 10.30 -5.53
C VAL A 259 23.30 9.25 -5.61
N ARG A 260 23.15 8.12 -4.91
CA ARG A 260 24.19 7.09 -4.86
C ARG A 260 24.29 6.22 -6.11
N TRP A 261 23.18 5.99 -6.84
CA TRP A 261 23.19 5.11 -8.00
C TRP A 261 22.90 5.85 -9.28
N LEU A 262 23.61 5.44 -10.34
CA LEU A 262 23.47 5.96 -11.70
C LEU A 262 22.89 4.91 -12.62
N GLY A 263 21.86 5.30 -13.32
CA GLY A 263 21.18 4.50 -14.33
C GLY A 263 20.57 5.46 -15.33
N PRO A 264 20.21 5.02 -16.55
CA PRO A 264 19.61 5.98 -17.51
C PRO A 264 18.17 6.29 -17.12
N LYS A 265 17.62 7.35 -17.70
CA LYS A 265 16.25 7.77 -17.49
C LYS A 265 15.33 6.81 -18.26
N ALA A 266 14.14 6.51 -17.73
CA ALA A 266 13.13 5.67 -18.40
C ALA A 266 12.73 6.34 -19.71
N THR A 267 12.44 5.56 -20.74
CA THR A 267 12.09 6.18 -22.03
C THR A 267 10.84 5.53 -22.60
N TYR A 268 10.25 6.14 -23.64
CA TYR A 268 9.06 5.59 -24.30
C TYR A 268 9.49 4.33 -25.02
N HIS A 269 8.90 3.18 -24.58
CA HIS A 269 9.20 1.82 -25.03
C HIS A 269 10.62 1.41 -24.63
N GLY A 270 11.13 1.95 -23.53
CA GLY A 270 12.48 1.67 -23.05
C GLY A 270 12.73 0.21 -22.73
N ASN A 271 11.70 -0.47 -22.18
CA ASN A 271 11.77 -1.89 -21.84
C ASN A 271 11.86 -2.74 -23.10
N ILE A 272 11.33 -2.25 -24.24
CA ILE A 272 11.36 -2.95 -25.51
C ILE A 272 12.63 -2.57 -26.32
N ASP A 273 12.84 -1.27 -26.59
CA ASP A 273 13.86 -0.67 -27.45
C ASP A 273 15.26 -0.50 -26.83
N LYS A 274 15.40 -0.60 -25.49
CA LYS A 274 16.70 -0.41 -24.83
C LYS A 274 17.08 -1.65 -24.03
N PRO A 275 18.38 -1.90 -23.78
CA PRO A 275 18.73 -3.12 -23.04
C PRO A 275 18.36 -3.03 -21.58
N ALA A 276 18.23 -4.20 -20.91
CA ALA A 276 17.99 -4.25 -19.47
C ALA A 276 19.12 -3.50 -18.77
N VAL A 277 18.78 -2.71 -17.76
CA VAL A 277 19.74 -1.89 -17.04
C VAL A 277 20.20 -2.54 -15.75
N THR A 278 21.46 -2.30 -15.44
CA THR A 278 22.06 -2.69 -14.17
C THR A 278 22.60 -1.41 -13.58
N CYS A 279 22.15 -1.08 -12.37
CA CYS A 279 22.53 0.14 -11.68
C CYS A 279 24.00 0.11 -11.29
N THR A 280 24.65 1.29 -11.34
CA THR A 280 26.08 1.46 -11.11
C THR A 280 26.26 2.55 -10.08
N PRO A 281 27.33 2.53 -9.25
CA PRO A 281 27.52 3.67 -8.33
C PRO A 281 27.67 4.98 -9.10
N ASN A 282 27.10 6.06 -8.56
CA ASN A 282 27.17 7.36 -9.22
C ASN A 282 28.59 7.93 -9.09
N PRO A 283 29.26 8.15 -10.24
CA PRO A 283 30.62 8.73 -10.19
C PRO A 283 30.67 10.22 -9.77
N GLN A 284 29.50 10.90 -9.73
CA GLN A 284 29.39 12.29 -9.32
C GLN A 284 29.26 12.42 -7.78
N ARG A 285 29.04 11.30 -7.06
CA ARG A 285 28.95 11.31 -5.61
C ARG A 285 30.31 11.01 -4.99
N ASN A 286 30.93 12.04 -4.42
CA ASN A 286 32.21 11.95 -3.71
C ASN A 286 32.01 11.18 -2.42
N ASP A 287 33.04 10.49 -1.95
CA ASP A 287 32.93 9.71 -0.72
C ASP A 287 32.86 10.63 0.51
N SER A 288 33.31 11.89 0.34
CA SER A 288 33.27 12.93 1.37
C SER A 288 31.81 13.43 1.66
N VAL A 289 30.83 13.14 0.77
CA VAL A 289 29.41 13.47 0.99
C VAL A 289 28.85 12.42 1.97
N PRO A 290 28.42 12.78 3.20
CA PRO A 290 27.91 11.74 4.12
C PRO A 290 26.63 11.08 3.63
N THR A 291 26.48 9.79 3.94
CA THR A 291 25.25 9.11 3.55
C THR A 291 24.19 9.40 4.59
N LEU A 292 22.92 9.10 4.24
CA LEU A 292 21.81 9.28 5.16
C LEU A 292 22.05 8.50 6.47
N ALA A 293 22.52 7.26 6.37
CA ALA A 293 22.82 6.44 7.55
C ALA A 293 23.92 7.05 8.36
N GLN A 294 24.93 7.66 7.69
CA GLN A 294 26.07 8.30 8.36
C GLN A 294 25.61 9.54 9.13
N MET A 295 24.71 10.32 8.54
CA MET A 295 24.14 11.50 9.17
C MET A 295 23.22 11.10 10.30
N THR A 296 22.39 10.04 10.09
CA THR A 296 21.47 9.49 11.08
C THR A 296 22.26 9.01 12.31
N ASP A 297 23.32 8.25 12.07
CA ASP A 297 24.15 7.69 13.13
C ASP A 297 24.79 8.77 14.00
N LYS A 298 25.35 9.85 13.40
CA LYS A 298 25.97 10.93 14.16
C LYS A 298 24.91 11.72 14.91
N ALA A 299 23.75 11.98 14.26
CA ALA A 299 22.64 12.68 14.92
C ALA A 299 22.20 11.89 16.16
N ILE A 300 21.89 10.58 16.01
CA ILE A 300 21.50 9.72 17.13
C ILE A 300 22.53 9.81 18.28
N GLU A 301 23.84 9.72 17.96
CA GLU A 301 24.92 9.76 18.92
CA GLU A 301 24.91 9.74 18.94
C GLU A 301 24.93 11.07 19.72
N LEU A 302 24.82 12.23 19.05
CA LEU A 302 24.82 13.55 19.69
C LEU A 302 23.53 13.83 20.49
N LEU A 303 22.35 13.48 19.91
CA LEU A 303 21.07 13.73 20.58
C LEU A 303 20.88 12.81 21.80
N SER A 304 21.49 11.61 21.80
CA SER A 304 21.42 10.63 22.89
C SER A 304 21.93 11.18 24.20
N LYS A 305 22.87 12.15 24.12
CA LYS A 305 23.51 12.77 25.28
C LYS A 305 22.50 13.52 26.14
N ASN A 306 21.33 13.88 25.56
CA ASN A 306 20.26 14.54 26.30
C ASN A 306 19.53 13.53 27.18
N GLU A 307 19.68 13.67 28.51
CA GLU A 307 19.06 12.80 29.52
C GLU A 307 17.52 12.79 29.48
N LYS A 308 16.87 13.89 29.04
CA LYS A 308 15.41 13.97 29.00
C LYS A 308 14.82 13.29 27.76
N GLY A 309 15.64 13.15 26.71
CA GLY A 309 15.24 12.50 25.48
C GLY A 309 15.47 13.35 24.25
N PHE A 310 15.04 12.84 23.08
CA PHE A 310 15.22 13.55 21.82
C PHE A 310 14.21 13.15 20.76
N PHE A 311 13.99 14.07 19.78
CA PHE A 311 13.16 13.88 18.59
C PHE A 311 14.05 14.08 17.37
N LEU A 312 14.13 13.06 16.51
CA LEU A 312 14.91 13.11 15.28
C LEU A 312 14.07 12.76 14.07
N GLN A 313 14.13 13.60 13.01
CA GLN A 313 13.46 13.30 11.75
C GLN A 313 14.52 13.14 10.66
N VAL A 314 14.39 12.06 9.87
CA VAL A 314 15.34 11.68 8.82
C VAL A 314 14.57 11.59 7.50
N ALA A 315 15.01 12.32 6.48
CA ALA A 315 14.31 12.36 5.19
C ALA A 315 15.14 11.89 4.01
N GLY A 316 14.71 10.78 3.42
CA GLY A 316 15.24 10.20 2.19
C GLY A 316 14.47 10.89 1.09
N ALA A 317 14.85 12.13 0.85
CA ALA A 317 14.17 13.06 -0.03
C ALA A 317 14.39 12.83 -1.53
N SER A 318 15.52 12.28 -1.91
CA SER A 318 15.83 12.11 -3.33
C SER A 318 15.08 10.89 -3.98
N ILE A 319 14.31 10.09 -3.19
CA ILE A 319 13.48 8.99 -3.72
C ILE A 319 12.49 9.64 -4.67
N ASP A 320 11.81 10.71 -4.18
CA ASP A 320 10.85 11.58 -4.87
C ASP A 320 11.47 12.22 -6.11
N ALA A 321 12.65 12.85 -5.94
CA ALA A 321 13.37 13.53 -7.00
C ALA A 321 13.63 12.60 -8.19
N GLN A 322 14.06 11.36 -7.92
CA GLN A 322 14.35 10.40 -8.98
C GLN A 322 13.07 9.75 -9.53
N ASP A 323 12.00 9.69 -8.74
CA ASP A 323 10.72 9.20 -9.21
C ASP A 323 10.16 10.25 -10.21
N HIS A 324 10.33 11.55 -9.88
CA HIS A 324 9.95 12.70 -10.70
C HIS A 324 10.76 12.70 -12.00
N ALA A 325 12.06 12.28 -11.91
CA ALA A 325 13.01 12.21 -13.02
C ALA A 325 12.86 10.90 -13.83
N ALA A 326 11.95 9.99 -13.42
CA ALA A 326 11.69 8.67 -14.01
C ALA A 326 13.02 7.94 -14.19
N ASN A 327 13.78 7.83 -13.08
CA ASN A 327 15.11 7.20 -13.06
C ASN A 327 15.07 6.07 -12.05
N PRO A 328 14.69 4.83 -12.51
CA PRO A 328 14.58 3.71 -11.56
C PRO A 328 15.82 3.46 -10.70
N CYS A 329 17.03 3.59 -11.28
CA CYS A 329 18.27 3.35 -10.54
C CYS A 329 18.47 4.35 -9.39
N GLY A 330 18.35 5.64 -9.67
CA GLY A 330 18.48 6.67 -8.66
C GLY A 330 17.46 6.48 -7.56
N GLN A 331 16.20 6.21 -7.95
CA GLN A 331 15.06 5.98 -7.08
C GLN A 331 15.28 4.76 -6.16
N ILE A 332 15.75 3.63 -6.73
CA ILE A 332 16.00 2.41 -5.97
C ILE A 332 17.21 2.64 -5.03
N GLY A 333 18.23 3.30 -5.53
CA GLY A 333 19.43 3.64 -4.77
C GLY A 333 19.15 4.43 -3.53
N GLU A 334 18.25 5.39 -3.63
CA GLU A 334 17.87 6.22 -2.51
C GLU A 334 16.96 5.45 -1.54
N THR A 335 16.19 4.44 -2.01
CA THR A 335 15.37 3.63 -1.11
C THR A 335 16.30 2.75 -0.29
N VAL A 336 17.40 2.29 -0.93
CA VAL A 336 18.45 1.49 -0.29
C VAL A 336 19.18 2.39 0.73
N ASP A 337 19.46 3.65 0.35
CA ASP A 337 20.13 4.64 1.19
C ASP A 337 19.29 4.83 2.46
N LEU A 338 17.96 5.02 2.31
CA LEU A 338 17.05 5.16 3.45
C LEU A 338 16.99 3.89 4.29
N ASP A 339 17.00 2.71 3.65
CA ASP A 339 16.96 1.45 4.42
C ASP A 339 18.17 1.38 5.41
N GLU A 340 19.35 1.87 4.98
CA GLU A 340 20.54 1.85 5.83
C GLU A 340 20.34 2.71 7.05
N ALA A 341 19.66 3.86 6.89
CA ALA A 341 19.36 4.80 7.96
C ALA A 341 18.32 4.21 8.92
N VAL A 342 17.29 3.50 8.37
CA VAL A 342 16.24 2.84 9.18
C VAL A 342 16.91 1.78 10.06
N GLN A 343 17.88 1.05 9.50
CA GLN A 343 18.69 0.04 10.20
C GLN A 343 19.40 0.66 11.39
N ARG A 344 20.05 1.83 11.22
CA ARG A 344 20.74 2.55 12.32
C ARG A 344 19.79 2.91 13.44
N ALA A 345 18.60 3.42 13.07
CA ALA A 345 17.52 3.82 13.97
C ALA A 345 17.03 2.64 14.80
N LEU A 346 16.77 1.46 14.17
CA LEU A 346 16.32 0.26 14.85
C LEU A 346 17.43 -0.31 15.72
N GLU A 347 18.68 -0.32 15.24
CA GLU A 347 19.82 -0.84 16.01
C GLU A 347 19.85 -0.11 17.35
N PHE A 348 19.76 1.23 17.29
CA PHE A 348 19.70 2.12 18.43
C PHE A 348 18.48 1.82 19.34
N ALA A 349 17.27 1.81 18.76
CA ALA A 349 16.01 1.62 19.47
C ALA A 349 15.93 0.31 20.26
N LYS A 350 16.39 -0.81 19.66
CA LYS A 350 16.38 -2.15 20.25
C LYS A 350 17.27 -2.19 21.50
N LYS A 351 18.44 -1.51 21.44
CA LYS A 351 19.43 -1.40 22.52
C LYS A 351 18.89 -0.51 23.67
N GLU A 352 18.35 0.70 23.32
CA GLU A 352 17.83 1.72 24.25
C GLU A 352 16.55 1.27 24.99
N GLY A 353 15.59 0.71 24.25
CA GLY A 353 14.35 0.15 24.79
C GLY A 353 13.13 1.04 24.87
N ASN A 354 13.32 2.38 24.89
CA ASN A 354 12.24 3.37 25.01
C ASN A 354 12.20 4.31 23.79
N THR A 355 12.61 3.83 22.62
CA THR A 355 12.63 4.66 21.42
C THR A 355 11.59 4.17 20.41
N LEU A 356 10.74 5.08 19.98
CA LEU A 356 9.72 4.78 18.99
C LEU A 356 10.27 5.17 17.61
N VAL A 357 10.44 4.19 16.73
CA VAL A 357 10.92 4.39 15.36
C VAL A 357 9.72 4.21 14.44
N ILE A 358 9.47 5.23 13.59
CA ILE A 358 8.39 5.24 12.59
C ILE A 358 9.00 5.41 11.19
N VAL A 359 8.56 4.59 10.22
CA VAL A 359 9.02 4.65 8.82
C VAL A 359 7.81 4.76 7.92
N THR A 360 7.74 5.87 7.18
CA THR A 360 6.67 6.10 6.22
C THR A 360 7.11 7.07 5.10
N ALA A 361 6.14 7.51 4.31
CA ALA A 361 6.30 8.43 3.18
C ALA A 361 5.31 9.56 3.31
N ASP A 362 5.57 10.68 2.64
CA ASP A 362 4.70 11.83 2.67
C ASP A 362 3.50 11.66 1.70
N HIS A 363 3.70 10.88 0.61
CA HIS A 363 2.70 10.57 -0.43
C HIS A 363 3.19 9.46 -1.33
N ALA A 364 2.29 8.94 -2.19
CA ALA A 364 2.73 7.92 -3.15
C ALA A 364 3.33 8.62 -4.40
N HIS A 365 3.90 7.86 -5.34
CA HIS A 365 4.49 8.50 -6.52
C HIS A 365 4.09 7.77 -7.83
N ALA A 366 4.79 8.06 -8.94
CA ALA A 366 4.42 7.59 -10.28
C ALA A 366 4.79 6.14 -10.57
N SER A 367 6.05 5.73 -10.27
CA SER A 367 6.58 4.41 -10.61
C SER A 367 5.62 3.26 -10.27
N GLN A 368 5.60 2.27 -11.17
CA GLN A 368 4.81 1.04 -11.13
C GLN A 368 5.64 -0.07 -11.67
N ILE A 369 5.52 -1.25 -11.06
CA ILE A 369 6.17 -2.47 -11.51
C ILE A 369 5.18 -3.11 -12.46
N VAL A 370 5.60 -3.36 -13.72
CA VAL A 370 4.75 -3.94 -14.78
C VAL A 370 5.45 -5.15 -15.43
N ALA A 371 4.70 -5.97 -16.18
CA ALA A 371 5.18 -7.14 -16.89
C ALA A 371 6.32 -6.80 -17.84
N PRO A 372 7.34 -7.67 -18.02
CA PRO A 372 8.45 -7.34 -18.94
C PRO A 372 8.05 -7.01 -20.40
N ASP A 373 7.01 -7.64 -20.88
CA ASP A 373 6.52 -7.52 -22.26
C ASP A 373 5.71 -6.25 -22.55
N THR A 374 5.29 -5.52 -21.49
CA THR A 374 4.44 -4.33 -21.52
C THR A 374 4.82 -3.28 -22.57
N LYS A 375 3.80 -2.82 -23.32
CA LYS A 375 3.87 -1.70 -24.28
C LYS A 375 3.02 -0.63 -23.67
N ALA A 376 3.68 0.24 -22.87
CA ALA A 376 3.05 1.32 -22.11
C ALA A 376 3.13 2.68 -22.84
N PRO A 377 2.19 3.64 -22.60
CA PRO A 377 2.25 4.95 -23.29
C PRO A 377 3.26 5.93 -22.68
N GLY A 378 3.67 5.69 -21.44
CA GLY A 378 4.61 6.56 -20.72
C GLY A 378 6.05 6.16 -20.87
N LEU A 379 6.83 6.33 -19.81
CA LEU A 379 8.26 6.01 -19.83
C LEU A 379 8.50 4.71 -19.08
N THR A 380 9.31 3.81 -19.67
CA THR A 380 9.61 2.47 -19.12
C THR A 380 11.10 2.14 -19.18
N GLN A 381 11.50 1.11 -18.45
CA GLN A 381 12.87 0.61 -18.40
C GLN A 381 12.86 -0.80 -17.81
N ALA A 382 13.68 -1.67 -18.40
CA ALA A 382 13.88 -3.05 -17.93
C ALA A 382 15.10 -3.08 -17.05
N LEU A 383 15.00 -3.73 -15.91
CA LEU A 383 16.11 -3.81 -14.97
C LEU A 383 16.43 -5.24 -14.63
N ASN A 384 17.74 -5.50 -14.46
CA ASN A 384 18.29 -6.80 -14.11
C ASN A 384 18.39 -6.87 -12.60
N THR A 385 17.48 -7.62 -11.92
CA THR A 385 17.43 -7.68 -10.45
C THR A 385 18.42 -8.68 -9.81
N LYS A 386 18.49 -8.69 -8.44
CA LYS A 386 19.31 -9.65 -7.68
C LYS A 386 18.84 -11.09 -7.95
N ASP A 387 17.54 -11.29 -8.28
CA ASP A 387 17.01 -12.62 -8.59
C ASP A 387 17.54 -13.20 -9.92
N GLY A 388 18.16 -12.36 -10.74
CA GLY A 388 18.63 -12.75 -12.06
C GLY A 388 17.49 -12.75 -13.06
N ALA A 389 16.44 -11.99 -12.74
CA ALA A 389 15.24 -11.82 -13.55
C ALA A 389 15.07 -10.37 -13.88
N VAL A 390 14.34 -10.10 -14.96
CA VAL A 390 14.04 -8.74 -15.43
C VAL A 390 12.78 -8.23 -14.78
N MET A 391 12.86 -6.96 -14.32
CA MET A 391 11.75 -6.18 -13.77
C MET A 391 11.55 -4.95 -14.64
N VAL A 392 10.31 -4.69 -15.04
CA VAL A 392 10.04 -3.49 -15.80
C VAL A 392 9.29 -2.50 -14.90
N MET A 393 9.80 -1.26 -14.88
CA MET A 393 9.24 -0.14 -14.15
C MET A 393 8.70 0.85 -15.17
N SER A 394 7.51 1.40 -14.85
CA SER A 394 6.75 2.31 -15.70
C SER A 394 6.38 3.61 -14.98
N TYR A 395 6.36 4.71 -15.74
CA TYR A 395 6.02 6.08 -15.32
C TYR A 395 5.03 6.62 -16.37
N GLY A 396 3.73 6.51 -16.09
CA GLY A 396 2.72 6.87 -17.08
C GLY A 396 1.67 7.88 -16.67
N ASN A 397 2.03 8.84 -15.80
CA ASN A 397 1.04 9.82 -15.35
C ASN A 397 1.41 11.27 -15.74
N SER A 398 2.39 11.47 -16.64
CA SER A 398 2.76 12.82 -17.07
C SER A 398 3.52 12.84 -18.39
N GLU A 399 3.10 13.73 -19.30
CA GLU A 399 3.75 13.98 -20.59
C GLU A 399 4.82 15.08 -20.44
N GLU A 400 4.85 15.75 -19.27
CA GLU A 400 5.81 16.80 -18.95
C GLU A 400 7.11 16.15 -18.47
N ASP A 401 8.17 16.94 -18.30
CA ASP A 401 9.47 16.43 -17.88
C ASP A 401 9.51 15.90 -16.44
N SER A 402 8.44 16.09 -15.64
CA SER A 402 8.37 15.61 -14.27
C SER A 402 7.21 14.63 -14.08
N GLN A 403 7.48 13.44 -13.51
CA GLN A 403 6.45 12.44 -13.22
C GLN A 403 5.75 12.88 -11.95
N GLU A 404 4.47 12.57 -11.77
CA GLU A 404 3.74 13.16 -10.64
C GLU A 404 3.42 12.21 -9.48
N HIS A 405 3.17 12.80 -8.31
CA HIS A 405 2.78 12.13 -7.08
C HIS A 405 1.45 11.47 -7.29
N THR A 406 1.16 10.39 -6.53
CA THR A 406 -0.15 9.76 -6.62
C THR A 406 -0.77 9.82 -5.22
N GLY A 407 -2.09 9.74 -5.17
CA GLY A 407 -2.84 9.86 -3.93
C GLY A 407 -3.17 8.60 -3.20
N SER A 408 -2.71 7.46 -3.68
CA SER A 408 -2.93 6.18 -2.97
C SER A 408 -2.47 6.21 -1.50
N GLN A 409 -3.27 5.62 -0.59
CA GLN A 409 -2.87 5.45 0.82
C GLN A 409 -1.60 4.60 0.81
N LEU A 410 -0.75 4.75 1.81
CA LEU A 410 0.50 3.99 1.78
C LEU A 410 0.87 3.46 3.15
N ARG A 411 1.89 2.61 3.20
CA ARG A 411 2.40 1.97 4.40
C ARG A 411 2.98 2.95 5.38
N ILE A 412 2.63 2.74 6.66
CA ILE A 412 3.20 3.37 7.84
C ILE A 412 3.59 2.19 8.71
N ALA A 413 4.83 2.18 9.14
CA ALA A 413 5.38 1.11 9.98
C ALA A 413 6.04 1.70 11.21
N ALA A 414 6.00 0.96 12.34
CA ALA A 414 6.57 1.47 13.58
C ALA A 414 7.05 0.37 14.52
N TYR A 415 8.00 0.74 15.38
CA TYR A 415 8.61 -0.11 16.40
C TYR A 415 8.76 0.69 17.68
N GLY A 416 8.48 0.07 18.82
CA GLY A 416 8.68 0.70 20.12
C GLY A 416 7.43 1.18 20.85
N PRO A 417 7.60 2.04 21.90
CA PRO A 417 6.43 2.53 22.64
C PRO A 417 5.43 3.28 21.76
N HIS A 418 4.11 3.06 22.00
CA HIS A 418 2.98 3.71 21.29
C HIS A 418 2.92 3.36 19.79
N ALA A 419 3.70 2.36 19.32
CA ALA A 419 3.74 1.97 17.90
C ALA A 419 2.40 1.38 17.43
N ALA A 420 1.54 0.91 18.35
CA ALA A 420 0.22 0.38 18.02
C ALA A 420 -0.67 1.41 17.30
N ASN A 421 -0.33 2.70 17.45
CA ASN A 421 -1.11 3.80 16.89
C ASN A 421 -0.92 3.99 15.40
N VAL A 422 -0.13 3.18 14.73
CA VAL A 422 0.05 3.28 13.27
C VAL A 422 -0.73 2.13 12.57
N VAL A 423 -1.17 1.13 13.35
CA VAL A 423 -1.88 -0.05 12.85
C VAL A 423 -3.29 0.37 12.41
N GLY A 424 -3.78 -0.30 11.36
CA GLY A 424 -5.07 -0.03 10.76
C GLY A 424 -4.96 1.20 9.87
N LEU A 425 -6.11 1.80 9.52
CA LEU A 425 -6.15 2.97 8.68
C LEU A 425 -6.07 4.23 9.56
N THR A 426 -5.10 5.11 9.28
CA THR A 426 -4.97 6.37 10.02
C THR A 426 -4.76 7.52 9.02
N ASP A 427 -4.63 8.73 9.54
CA ASP A 427 -4.37 9.91 8.75
C ASP A 427 -2.97 10.41 9.08
N GLN A 428 -2.33 11.07 8.12
CA GLN A 428 -1.01 11.66 8.29
C GLN A 428 -0.98 12.57 9.53
N THR A 429 -2.13 13.24 9.84
CA THR A 429 -2.27 14.14 11.00
C THR A 429 -2.32 13.34 12.30
N ASP A 430 -2.82 12.07 12.27
CA ASP A 430 -2.83 11.17 13.44
C ASP A 430 -1.42 10.93 13.93
N LEU A 431 -0.45 10.95 12.99
CA LEU A 431 0.98 10.73 13.26
C LEU A 431 1.48 11.83 14.21
N PHE A 432 1.07 13.08 13.99
CA PHE A 432 1.46 14.18 14.86
C PHE A 432 1.03 13.91 16.30
N TYR A 433 -0.24 13.52 16.48
CA TYR A 433 -0.82 13.28 17.78
C TYR A 433 -0.22 12.04 18.42
N THR A 434 0.12 11.02 17.62
CA THR A 434 0.76 9.77 18.06
C THR A 434 2.11 10.09 18.70
N MET A 435 2.88 10.99 18.04
CA MET A 435 4.24 11.41 18.46
C MET A 435 4.17 12.32 19.68
N LYS A 436 3.17 13.21 19.72
CA LYS A 436 2.92 14.15 20.83
C LYS A 436 2.62 13.36 22.10
N ALA A 437 1.68 12.40 22.02
CA ALA A 437 1.25 11.57 23.14
C ALA A 437 2.40 10.68 23.66
N ALA A 438 3.14 10.02 22.74
CA ALA A 438 4.28 9.15 23.03
C ALA A 438 5.36 9.85 23.85
N LEU A 439 5.65 11.13 23.54
CA LEU A 439 6.65 11.91 24.23
C LEU A 439 6.04 12.71 25.40
N GLY A 440 4.71 12.67 25.52
CA GLY A 440 3.95 13.39 26.56
C GLY A 440 4.17 14.88 26.47
N LEU A 441 4.13 15.40 25.23
CA LEU A 441 4.35 16.81 24.95
C LEU A 441 3.05 17.58 25.02
N LYS A 442 3.14 18.87 25.38
CA LYS A 442 2.00 19.79 25.51
C LYS A 442 2.11 20.90 24.48
N TRP A 443 0.97 21.46 24.04
CA TRP A 443 0.95 22.55 23.05
C TRP A 443 1.71 23.76 23.57
N SER A 444 2.67 24.25 22.77
CA SER A 444 3.52 25.41 23.07
C SER A 444 4.05 26.01 21.78
N HIS A 445 4.17 27.34 21.72
CA HIS A 445 4.69 28.04 20.55
C HIS A 445 5.52 29.27 21.02
N PRO A 446 6.86 29.11 21.10
CA PRO A 446 7.72 30.20 21.61
C PRO A 446 7.83 31.41 20.67
N ASN B 2 -14.49 2.80 14.53
CA ASN B 2 -14.65 3.81 13.48
C ASN B 2 -13.35 4.60 13.23
N ARG B 3 -12.94 4.74 11.94
CA ARG B 3 -11.72 5.44 11.52
C ARG B 3 -12.00 6.60 10.52
N ALA B 4 -13.15 7.26 10.66
CA ALA B 4 -13.50 8.45 9.88
C ALA B 4 -12.83 9.69 10.50
N ALA B 5 -12.70 10.80 9.73
CA ALA B 5 -12.16 12.05 10.25
C ALA B 5 -13.04 12.57 11.42
N GLN B 6 -12.38 13.02 12.50
CA GLN B 6 -12.96 13.54 13.74
C GLN B 6 -14.01 14.62 13.51
N GLY B 7 -13.67 15.64 12.73
CA GLY B 7 -14.55 16.76 12.47
C GLY B 7 -14.18 17.62 11.29
N ASP B 8 -13.69 18.82 11.57
CA ASP B 8 -13.31 19.78 10.54
C ASP B 8 -11.91 19.50 10.06
N ILE B 9 -11.81 18.89 8.88
CA ILE B 9 -10.53 18.52 8.29
C ILE B 9 -9.59 19.72 8.09
N THR B 10 -10.14 20.97 8.11
CA THR B 10 -9.36 22.20 7.94
C THR B 10 -8.76 22.66 9.27
N ALA B 11 -9.41 22.31 10.41
CA ALA B 11 -8.99 22.64 11.79
C ALA B 11 -7.90 21.69 12.31
N PRO B 12 -7.07 22.07 13.32
CA PRO B 12 -6.11 21.09 13.87
C PRO B 12 -6.82 19.90 14.48
N GLY B 13 -6.38 18.70 14.13
CA GLY B 13 -6.98 17.49 14.67
C GLY B 13 -8.30 17.04 14.06
N GLY B 14 -8.92 17.89 13.23
CA GLY B 14 -10.20 17.58 12.59
C GLY B 14 -10.16 16.42 11.60
N ALA B 15 -8.95 16.11 11.05
CA ALA B 15 -8.77 15.04 10.06
C ALA B 15 -8.31 13.70 10.69
N ARG B 16 -8.04 13.71 12.02
CA ARG B 16 -7.66 12.53 12.82
C ARG B 16 -8.69 11.41 12.66
N ARG B 17 -8.20 10.21 12.52
CA ARG B 17 -9.04 9.01 12.41
C ARG B 17 -9.04 8.27 13.75
N LEU B 18 -8.06 8.62 14.63
CA LEU B 18 -7.88 8.05 15.97
C LEU B 18 -8.50 8.93 17.03
N THR B 19 -9.17 8.32 18.01
CA THR B 19 -9.82 9.07 19.10
C THR B 19 -8.96 9.05 20.38
N GLY B 20 -8.05 8.08 20.46
CA GLY B 20 -7.11 7.90 21.56
C GLY B 20 -6.03 6.89 21.24
N ASP B 21 -5.35 6.38 22.29
CA ASP B 21 -4.29 5.38 22.17
C ASP B 21 -4.88 4.02 21.79
N GLN B 22 -4.27 3.33 20.83
CA GLN B 22 -4.78 2.06 20.32
C GLN B 22 -4.14 0.80 20.94
N THR B 23 -3.08 0.95 21.80
CA THR B 23 -2.34 -0.16 22.41
C THR B 23 -3.28 -1.17 23.10
N ALA B 24 -4.11 -0.74 24.06
CA ALA B 24 -5.05 -1.59 24.79
C ALA B 24 -6.02 -2.36 23.86
N ALA B 25 -6.64 -1.64 22.91
CA ALA B 25 -7.62 -2.18 21.96
C ALA B 25 -6.99 -3.18 21.03
N LEU B 26 -5.74 -2.90 20.61
CA LEU B 26 -5.00 -3.82 19.75
C LEU B 26 -4.61 -5.08 20.52
N ARG B 27 -4.25 -4.94 21.82
CA ARG B 27 -3.92 -6.05 22.69
C ARG B 27 -5.11 -7.01 22.80
N ASP B 28 -6.33 -6.45 22.90
CA ASP B 28 -7.56 -7.23 23.00
C ASP B 28 -7.94 -7.86 21.66
N SER B 29 -7.47 -7.29 20.54
CA SER B 29 -7.75 -7.82 19.20
C SER B 29 -6.93 -9.09 18.91
N LEU B 30 -5.88 -9.34 19.72
CA LEU B 30 -4.94 -10.44 19.55
C LEU B 30 -5.37 -11.67 20.32
N SER B 31 -5.74 -12.73 19.58
CA SER B 31 -6.14 -14.00 20.17
C SER B 31 -5.43 -15.19 19.50
N ASP B 32 -4.85 -16.03 20.38
CA ASP B 32 -4.12 -17.27 20.09
C ASP B 32 -5.10 -18.44 19.93
N LYS B 33 -6.40 -18.22 20.28
CA LYS B 33 -7.50 -19.19 20.22
C LYS B 33 -7.77 -19.62 18.76
N PRO B 34 -8.39 -20.79 18.51
CA PRO B 34 -8.59 -21.22 17.13
C PRO B 34 -9.85 -20.64 16.49
N ALA B 35 -9.82 -20.49 15.17
CA ALA B 35 -10.95 -20.02 14.41
C ALA B 35 -11.83 -21.21 14.05
N LYS B 36 -13.13 -21.08 14.31
CA LYS B 36 -14.13 -22.09 13.95
C LYS B 36 -14.43 -21.89 12.47
N ASN B 37 -14.47 -20.64 12.01
CA ASN B 37 -14.76 -20.36 10.60
C ASN B 37 -13.82 -19.34 10.04
N ILE B 38 -13.66 -19.32 8.71
CA ILE B 38 -12.87 -18.30 8.03
C ILE B 38 -13.71 -17.70 6.92
N ILE B 39 -13.71 -16.36 6.82
CA ILE B 39 -14.32 -15.65 5.70
C ILE B 39 -13.17 -14.86 5.02
N LEU B 40 -12.76 -15.33 3.85
CA LEU B 40 -11.70 -14.67 3.10
C LEU B 40 -12.35 -13.87 1.98
N LEU B 41 -12.11 -12.56 1.97
CA LEU B 41 -12.69 -11.71 0.96
C LEU B 41 -11.59 -11.13 0.10
N ILE B 42 -11.69 -11.36 -1.21
CA ILE B 42 -10.68 -10.96 -2.20
C ILE B 42 -11.27 -9.91 -3.13
N GLY B 43 -10.59 -8.77 -3.21
CA GLY B 43 -10.92 -7.74 -4.16
C GLY B 43 -9.91 -7.95 -5.27
N ASP B 44 -10.35 -8.44 -6.45
CA ASP B 44 -9.43 -8.76 -7.54
C ASP B 44 -8.81 -7.46 -8.09
N GLY B 45 -7.50 -7.32 -7.92
CA GLY B 45 -6.78 -6.14 -8.36
C GLY B 45 -6.97 -4.94 -7.46
N MET B 46 -7.57 -5.15 -6.25
CA MET B 46 -7.86 -4.09 -5.28
C MET B 46 -6.58 -3.72 -4.45
N GLY B 47 -5.68 -3.00 -5.11
CA GLY B 47 -4.47 -2.47 -4.48
C GLY B 47 -4.84 -1.29 -3.60
N ASP B 48 -3.85 -0.73 -2.87
CA ASP B 48 -4.12 0.41 -1.98
C ASP B 48 -4.67 1.62 -2.76
N SER B 49 -4.24 1.80 -4.05
CA SER B 49 -4.74 2.85 -4.94
C SER B 49 -6.26 2.67 -5.19
N GLU B 50 -6.71 1.43 -5.45
CA GLU B 50 -8.13 1.11 -5.70
C GLU B 50 -8.96 1.39 -4.44
N ILE B 51 -8.44 1.05 -3.23
CA ILE B 51 -9.15 1.31 -1.97
C ILE B 51 -9.33 2.81 -1.80
N THR B 52 -8.22 3.59 -1.94
CA THR B 52 -8.24 5.04 -1.76
C THR B 52 -9.15 5.71 -2.77
N ALA B 53 -9.03 5.40 -4.09
CA ALA B 53 -9.88 5.97 -5.14
C ALA B 53 -11.38 5.79 -4.82
N ALA B 54 -11.79 4.56 -4.44
CA ALA B 54 -13.16 4.20 -4.09
C ALA B 54 -13.64 4.88 -2.78
N ARG B 55 -12.80 4.99 -1.73
CA ARG B 55 -13.13 5.72 -0.49
C ARG B 55 -13.29 7.20 -0.83
N ASN B 56 -12.27 7.83 -1.45
CA ASN B 56 -12.35 9.24 -1.87
C ASN B 56 -13.68 9.53 -2.63
N TYR B 57 -14.05 8.65 -3.58
CA TYR B 57 -15.26 8.83 -4.36
C TYR B 57 -16.55 8.64 -3.52
N ALA B 58 -16.76 7.44 -3.01
CA ALA B 58 -18.01 7.07 -2.35
C ALA B 58 -18.17 7.61 -0.91
N GLU B 59 -17.08 7.75 -0.15
CA GLU B 59 -17.18 8.13 1.26
C GLU B 59 -16.51 9.46 1.62
N GLY B 60 -15.78 10.06 0.67
CA GLY B 60 -15.00 11.25 0.89
C GLY B 60 -13.64 10.86 1.42
N ALA B 61 -12.64 11.70 1.21
CA ALA B 61 -11.24 11.44 1.63
C ALA B 61 -11.12 11.15 3.16
N GLY B 62 -11.89 11.87 3.98
CA GLY B 62 -11.94 11.69 5.41
C GLY B 62 -12.96 10.65 5.80
N GLY B 63 -13.49 9.98 4.78
CA GLY B 63 -14.48 8.92 4.93
C GLY B 63 -13.87 7.62 5.40
N PHE B 64 -14.71 6.59 5.42
CA PHE B 64 -14.33 5.31 5.97
C PHE B 64 -15.21 4.20 5.42
N PHE B 65 -14.59 3.09 5.02
CA PHE B 65 -15.35 1.93 4.57
C PHE B 65 -15.70 1.14 5.83
N LYS B 66 -17.01 1.02 6.14
CA LYS B 66 -17.53 0.32 7.34
C LYS B 66 -17.14 -1.16 7.32
N GLY B 67 -16.75 -1.64 6.15
CA GLY B 67 -16.28 -3.00 5.93
C GLY B 67 -14.78 -3.03 5.79
N ILE B 68 -14.28 -2.68 4.57
CA ILE B 68 -12.88 -2.72 4.13
C ILE B 68 -11.92 -2.05 5.15
N ASP B 69 -12.24 -0.89 5.68
CA ASP B 69 -11.34 -0.20 6.62
C ASP B 69 -11.56 -0.54 8.11
N ALA B 70 -12.57 -1.37 8.44
CA ALA B 70 -12.91 -1.70 9.83
C ALA B 70 -12.11 -2.88 10.43
N LEU B 71 -11.15 -3.46 9.66
CA LEU B 71 -10.35 -4.59 10.13
C LEU B 71 -9.11 -4.05 10.85
N PRO B 72 -9.01 -4.35 12.15
CA PRO B 72 -7.97 -3.73 12.97
C PRO B 72 -6.51 -4.13 12.68
N LEU B 73 -6.25 -5.38 12.28
CA LEU B 73 -4.89 -5.83 12.08
C LEU B 73 -4.53 -5.83 10.60
N THR B 74 -3.52 -5.02 10.28
CA THR B 74 -3.15 -4.78 8.90
C THR B 74 -1.67 -4.98 8.61
N GLY B 75 -1.39 -5.27 7.35
CA GLY B 75 -0.03 -5.41 6.86
C GLY B 75 0.00 -5.31 5.36
N GLN B 76 1.18 -5.55 4.81
CA GLN B 76 1.43 -5.54 3.38
C GLN B 76 1.96 -6.89 2.97
N TYR B 77 1.42 -7.48 1.88
CA TYR B 77 1.96 -8.75 1.49
C TYR B 77 2.40 -8.70 0.02
N THR B 78 3.33 -9.62 -0.37
CA THR B 78 3.92 -9.72 -1.71
C THR B 78 3.25 -10.85 -2.47
N HIS B 79 3.02 -10.63 -3.77
CA HIS B 79 2.27 -11.58 -4.59
C HIS B 79 2.95 -11.94 -5.90
N TYR B 80 4.27 -11.76 -6.02
CA TYR B 80 4.98 -12.16 -7.25
C TYR B 80 4.74 -13.66 -7.58
N ALA B 81 4.69 -13.96 -8.89
CA ALA B 81 4.56 -15.31 -9.40
C ALA B 81 5.96 -15.79 -9.79
N LEU B 82 6.04 -16.92 -10.52
CA LEU B 82 7.30 -17.46 -10.97
C LEU B 82 7.29 -17.59 -12.45
N ASN B 83 8.48 -17.59 -13.05
CA ASN B 83 8.70 -17.86 -14.46
C ASN B 83 8.77 -19.38 -14.54
N LYS B 84 7.89 -20.04 -15.34
CA LYS B 84 7.82 -21.51 -15.41
C LYS B 84 9.14 -22.17 -15.84
N LYS B 85 9.86 -21.57 -16.82
CA LYS B 85 11.11 -22.16 -17.27
C LYS B 85 12.25 -22.03 -16.23
N THR B 86 12.46 -20.82 -15.65
CA THR B 86 13.59 -20.54 -14.73
C THR B 86 13.30 -20.81 -13.24
N GLY B 87 12.04 -20.69 -12.83
CA GLY B 87 11.65 -20.82 -11.43
C GLY B 87 11.97 -19.57 -10.64
N LYS B 88 12.46 -18.53 -11.33
CA LYS B 88 12.79 -17.21 -10.79
C LYS B 88 11.49 -16.38 -10.63
N PRO B 89 11.47 -15.30 -9.82
CA PRO B 89 10.24 -14.52 -9.70
C PRO B 89 9.86 -13.81 -11.00
N ASP B 90 8.56 -13.66 -11.15
CA ASP B 90 7.84 -12.89 -12.16
C ASP B 90 7.08 -11.91 -11.30
N TYR B 91 7.59 -10.69 -11.26
CA TYR B 91 7.18 -9.60 -10.37
C TYR B 91 5.74 -9.18 -10.53
N VAL B 92 5.07 -9.53 -11.65
CA VAL B 92 3.67 -9.15 -11.83
C VAL B 92 2.85 -10.43 -12.07
N THR B 93 2.08 -10.82 -11.05
CA THR B 93 1.28 -12.04 -11.14
C THR B 93 -0.03 -11.81 -11.85
N ALA B 94 -0.54 -12.91 -12.44
CA ALA B 94 -1.85 -13.04 -13.05
C ALA B 94 -2.79 -13.42 -11.90
N SER B 95 -4.09 -13.34 -12.07
CA SER B 95 -5.04 -13.66 -11.01
C SER B 95 -4.95 -15.15 -10.56
N ALA B 96 -4.72 -16.08 -11.51
CA ALA B 96 -4.69 -17.53 -11.24
C ALA B 96 -3.45 -17.98 -10.44
N ALA B 97 -2.23 -17.52 -10.82
CA ALA B 97 -1.01 -17.86 -10.10
C ALA B 97 -1.11 -17.40 -8.63
N SER B 98 -1.62 -16.18 -8.42
CA SER B 98 -1.81 -15.58 -7.10
C SER B 98 -2.91 -16.31 -6.28
N ALA B 99 -4.06 -16.64 -6.91
CA ALA B 99 -5.10 -17.39 -6.22
C ALA B 99 -4.58 -18.77 -5.76
N THR B 100 -3.70 -19.41 -6.57
CA THR B 100 -3.05 -20.69 -6.26
C THR B 100 -2.14 -20.53 -5.04
N ALA B 101 -1.42 -19.40 -4.94
CA ALA B 101 -0.49 -19.12 -3.85
C ALA B 101 -1.18 -19.11 -2.47
N TRP B 102 -2.31 -18.38 -2.29
CA TRP B 102 -2.99 -18.37 -0.99
C TRP B 102 -3.84 -19.61 -0.76
N SER B 103 -4.30 -20.28 -1.83
CA SER B 103 -5.18 -21.44 -1.64
C SER B 103 -4.40 -22.75 -1.45
N THR B 104 -3.10 -22.82 -1.85
CA THR B 104 -2.28 -24.03 -1.69
C THR B 104 -0.94 -23.79 -0.93
N GLY B 105 -0.50 -22.53 -0.81
CA GLY B 105 0.75 -22.18 -0.17
C GLY B 105 1.97 -22.44 -1.05
N VAL B 106 1.74 -22.63 -2.37
CA VAL B 106 2.80 -22.85 -3.35
C VAL B 106 2.74 -21.76 -4.42
N LYS B 107 3.87 -21.16 -4.78
CA LYS B 107 3.93 -20.16 -5.85
C LYS B 107 3.81 -20.89 -7.17
N THR B 108 3.40 -20.20 -8.23
CA THR B 108 3.32 -20.87 -9.52
C THR B 108 3.49 -19.85 -10.65
N TYR B 109 3.42 -20.34 -11.89
CA TYR B 109 3.61 -19.55 -13.09
C TYR B 109 2.28 -18.97 -13.58
N ASN B 110 2.38 -17.85 -14.32
CA ASN B 110 1.23 -17.13 -14.89
C ASN B 110 0.56 -18.01 -15.94
N GLY B 111 -0.61 -18.51 -15.58
CA GLY B 111 -1.37 -19.45 -16.41
C GLY B 111 -1.85 -20.63 -15.58
N ALA B 112 -1.00 -21.09 -14.66
CA ALA B 112 -1.29 -22.20 -13.77
C ALA B 112 -2.45 -21.91 -12.85
N LEU B 113 -3.21 -22.98 -12.56
CA LEU B 113 -4.34 -22.95 -11.65
C LEU B 113 -4.32 -24.21 -10.81
N GLY B 114 -4.03 -24.05 -9.52
CA GLY B 114 -3.97 -25.16 -8.58
C GLY B 114 -2.84 -26.15 -8.77
N VAL B 115 -1.81 -25.78 -9.58
CA VAL B 115 -0.61 -26.59 -9.85
C VAL B 115 0.64 -25.70 -9.72
N ASP B 116 1.79 -26.27 -9.29
CA ASP B 116 3.06 -25.54 -9.18
C ASP B 116 3.79 -25.46 -10.55
N ILE B 117 5.08 -24.99 -10.58
CA ILE B 117 5.82 -24.85 -11.86
C ILE B 117 6.15 -26.20 -12.51
N HIS B 118 6.01 -27.31 -11.75
CA HIS B 118 6.25 -28.65 -12.28
C HIS B 118 4.96 -29.26 -12.80
N GLU B 119 3.82 -28.50 -12.72
CA GLU B 119 2.44 -28.88 -13.12
C GLU B 119 1.88 -29.96 -12.16
N LYS B 120 2.45 -30.02 -10.94
CA LYS B 120 2.04 -30.94 -9.90
C LYS B 120 0.97 -30.27 -9.09
N ASP B 121 -0.17 -30.93 -8.95
CA ASP B 121 -1.30 -30.37 -8.22
C ASP B 121 -1.09 -30.43 -6.70
N HIS B 122 -1.67 -29.48 -5.98
CA HIS B 122 -1.56 -29.41 -4.53
C HIS B 122 -2.94 -29.19 -3.88
N PRO B 123 -3.23 -29.79 -2.70
CA PRO B 123 -4.54 -29.58 -2.09
C PRO B 123 -4.81 -28.13 -1.71
N THR B 124 -6.06 -27.71 -1.80
CA THR B 124 -6.40 -26.35 -1.46
C THR B 124 -7.04 -26.28 -0.09
N ILE B 125 -6.99 -25.07 0.49
CA ILE B 125 -7.57 -24.78 1.78
C ILE B 125 -9.05 -25.23 1.83
N LEU B 126 -9.79 -25.11 0.68
CA LEU B 126 -11.18 -25.56 0.56
C LEU B 126 -11.26 -27.09 0.67
N GLU B 127 -10.35 -27.79 -0.01
CA GLU B 127 -10.31 -29.26 -0.03
C GLU B 127 -10.01 -29.83 1.38
N MET B 128 -9.06 -29.20 2.10
CA MET B 128 -8.62 -29.62 3.43
C MET B 128 -9.68 -29.38 4.50
N ALA B 129 -10.43 -28.28 4.35
CA ALA B 129 -11.54 -27.90 5.21
C ALA B 129 -12.68 -28.90 5.01
N LYS B 130 -12.94 -29.28 3.74
CA LYS B 130 -13.95 -30.27 3.36
C LYS B 130 -13.57 -31.64 3.96
N ALA B 131 -12.26 -31.96 3.97
CA ALA B 131 -11.70 -33.20 4.49
C ALA B 131 -11.90 -33.31 6.01
N ALA B 132 -11.83 -32.17 6.73
CA ALA B 132 -11.96 -32.13 8.18
C ALA B 132 -13.41 -32.04 8.68
N GLY B 133 -14.37 -32.12 7.76
CA GLY B 133 -15.79 -32.08 8.07
C GLY B 133 -16.42 -30.71 8.06
N LEU B 134 -15.66 -29.66 7.63
CA LEU B 134 -16.18 -28.29 7.60
C LEU B 134 -16.97 -27.98 6.33
N ALA B 135 -17.99 -27.12 6.46
CA ALA B 135 -18.76 -26.64 5.32
C ALA B 135 -17.86 -25.70 4.46
N THR B 136 -18.09 -25.69 3.15
CA THR B 136 -17.26 -24.93 2.22
C THR B 136 -18.12 -24.09 1.29
N GLY B 137 -17.72 -22.83 1.15
CA GLY B 137 -18.38 -21.83 0.34
C GLY B 137 -17.42 -21.11 -0.57
N ASN B 138 -17.87 -20.92 -1.80
CA ASN B 138 -17.11 -20.30 -2.89
C ASN B 138 -18.04 -19.38 -3.64
N VAL B 139 -17.87 -18.09 -3.38
CA VAL B 139 -18.72 -17.06 -3.95
C VAL B 139 -17.85 -16.06 -4.75
N SER B 140 -18.30 -15.71 -5.96
CA SER B 140 -17.63 -14.74 -6.81
C SER B 140 -18.63 -13.97 -7.70
N THR B 141 -18.31 -12.70 -8.03
CA THR B 141 -19.19 -11.89 -8.90
C THR B 141 -18.86 -12.19 -10.38
N ALA B 142 -17.78 -12.94 -10.62
CA ALA B 142 -17.37 -13.29 -11.97
C ALA B 142 -17.77 -14.74 -12.27
N GLU B 143 -17.23 -15.28 -13.39
CA GLU B 143 -17.47 -16.64 -13.84
C GLU B 143 -16.80 -17.58 -12.85
N LEU B 144 -17.51 -18.66 -12.45
CA LEU B 144 -16.99 -19.62 -11.48
C LEU B 144 -15.71 -20.33 -11.95
N GLN B 145 -15.44 -20.29 -13.28
CA GLN B 145 -14.27 -20.88 -13.91
C GLN B 145 -13.08 -19.92 -13.90
N ALA B 146 -13.31 -18.63 -13.57
CA ALA B 146 -12.24 -17.65 -13.49
C ALA B 146 -11.35 -17.92 -12.27
N ALA B 147 -10.13 -17.40 -12.31
CA ALA B 147 -9.02 -17.63 -11.39
C ALA B 147 -9.37 -17.82 -9.87
N THR B 148 -10.04 -16.83 -9.26
CA THR B 148 -10.32 -16.70 -7.83
C THR B 148 -11.23 -17.85 -7.33
N PRO B 149 -12.48 -18.07 -7.81
CA PRO B 149 -13.22 -19.23 -7.28
C PRO B 149 -12.59 -20.55 -7.73
N ALA B 150 -12.07 -20.61 -8.97
CA ALA B 150 -11.52 -21.84 -9.53
C ALA B 150 -10.31 -22.39 -8.79
N ALA B 151 -9.40 -21.52 -8.29
CA ALA B 151 -8.18 -21.97 -7.59
C ALA B 151 -8.49 -22.86 -6.39
N LEU B 152 -9.66 -22.72 -5.82
CA LEU B 152 -10.04 -23.53 -4.67
C LEU B 152 -10.48 -24.94 -5.07
N VAL B 153 -10.92 -25.16 -6.33
CA VAL B 153 -11.54 -26.44 -6.69
C VAL B 153 -10.93 -27.13 -7.92
N ALA B 154 -10.08 -26.44 -8.66
CA ALA B 154 -9.49 -27.04 -9.85
C ALA B 154 -7.97 -26.93 -9.92
N HIS B 155 -7.39 -27.93 -10.60
CA HIS B 155 -5.96 -28.09 -10.87
C HIS B 155 -5.78 -28.25 -12.38
N VAL B 156 -5.41 -27.18 -13.08
CA VAL B 156 -5.17 -27.18 -14.55
C VAL B 156 -3.85 -26.41 -14.85
N THR B 157 -3.22 -26.73 -15.99
CA THR B 157 -1.93 -26.17 -16.42
C THR B 157 -2.12 -24.85 -17.16
N SER B 158 -3.37 -24.54 -17.49
CA SER B 158 -3.79 -23.30 -18.14
C SER B 158 -5.15 -22.91 -17.57
N SER B 159 -5.25 -21.69 -17.04
CA SER B 159 -6.46 -21.13 -16.44
C SER B 159 -7.58 -20.95 -17.47
N LYS B 160 -7.26 -21.12 -18.76
CA LYS B 160 -8.22 -20.97 -19.86
C LYS B 160 -9.08 -22.26 -20.10
N CYS B 161 -8.77 -23.35 -19.36
CA CYS B 161 -9.39 -24.67 -19.46
C CYS B 161 -10.72 -24.80 -18.65
N TYR B 162 -11.66 -23.91 -19.00
CA TYR B 162 -12.99 -23.70 -18.41
C TYR B 162 -13.88 -24.92 -18.53
N GLY B 163 -14.03 -25.42 -19.75
CA GLY B 163 -14.87 -26.56 -20.08
C GLY B 163 -14.13 -27.62 -20.87
N PRO B 164 -14.81 -28.75 -21.19
CA PRO B 164 -14.13 -29.84 -21.91
C PRO B 164 -13.51 -29.46 -23.25
N SER B 165 -14.11 -28.49 -23.96
CA SER B 165 -13.66 -28.05 -25.26
C SER B 165 -12.27 -27.44 -25.22
N ALA B 166 -12.07 -26.44 -24.33
CA ALA B 166 -10.80 -25.73 -24.18
C ALA B 166 -9.74 -26.57 -23.52
N THR B 167 -10.14 -27.47 -22.60
CA THR B 167 -9.24 -28.37 -21.88
C THR B 167 -8.57 -29.37 -22.83
N SER B 168 -9.33 -30.08 -23.67
CA SER B 168 -8.77 -31.08 -24.58
C SER B 168 -7.67 -30.47 -25.47
N GLU B 169 -7.90 -29.22 -25.91
CA GLU B 169 -7.05 -28.42 -26.78
C GLU B 169 -5.84 -27.78 -26.05
N LYS B 170 -6.04 -27.16 -24.86
CA LYS B 170 -4.96 -26.40 -24.17
C LYS B 170 -4.32 -27.10 -22.94
N CYS B 171 -5.03 -28.04 -22.31
CA CYS B 171 -4.55 -28.82 -21.15
C CYS B 171 -4.75 -30.30 -21.47
N PRO B 172 -4.05 -30.86 -22.49
CA PRO B 172 -4.30 -32.27 -22.84
C PRO B 172 -4.04 -33.22 -21.68
N GLY B 173 -3.11 -32.85 -20.79
CA GLY B 173 -2.78 -33.62 -19.60
C GLY B 173 -3.88 -33.70 -18.57
N ASN B 174 -4.75 -32.65 -18.49
CA ASN B 174 -5.85 -32.56 -17.52
C ASN B 174 -7.20 -32.99 -18.13
N ALA B 175 -7.29 -33.12 -19.48
CA ALA B 175 -8.52 -33.54 -20.18
C ALA B 175 -8.99 -34.90 -19.69
N LEU B 176 -10.26 -35.00 -19.30
CA LEU B 176 -10.90 -36.19 -18.74
C LEU B 176 -10.70 -37.42 -19.62
N GLU B 177 -10.97 -37.29 -20.93
CA GLU B 177 -10.82 -38.36 -21.92
C GLU B 177 -9.34 -38.81 -22.12
N LYS B 178 -8.39 -38.06 -21.54
CA LYS B 178 -6.97 -38.39 -21.62
C LYS B 178 -6.42 -38.83 -20.24
N GLY B 179 -7.32 -39.25 -19.35
CA GLY B 179 -6.96 -39.71 -18.02
C GLY B 179 -6.85 -38.64 -16.94
N GLY B 180 -7.03 -37.36 -17.32
CA GLY B 180 -6.94 -36.21 -16.43
C GLY B 180 -8.14 -36.01 -15.51
N LYS B 181 -8.00 -35.07 -14.53
CA LYS B 181 -9.07 -34.78 -13.55
C LYS B 181 -10.27 -34.03 -14.20
N GLY B 182 -10.02 -33.37 -15.32
CA GLY B 182 -11.03 -32.66 -16.10
C GLY B 182 -10.82 -31.15 -16.20
N SER B 183 -11.81 -30.49 -16.82
CA SER B 183 -11.85 -29.06 -16.95
C SER B 183 -12.09 -28.44 -15.60
N ILE B 184 -11.95 -27.12 -15.50
CA ILE B 184 -12.18 -26.41 -14.25
C ILE B 184 -13.60 -26.76 -13.74
N THR B 185 -14.62 -26.69 -14.62
CA THR B 185 -16.03 -26.96 -14.28
C THR B 185 -16.23 -28.40 -13.87
N GLU B 186 -15.54 -29.33 -14.53
CA GLU B 186 -15.68 -30.75 -14.20
C GLU B 186 -15.09 -31.00 -12.83
N GLN B 187 -13.95 -30.35 -12.53
CA GLN B 187 -13.27 -30.45 -11.24
C GLN B 187 -14.07 -29.76 -10.15
N LEU B 188 -14.75 -28.63 -10.47
CA LEU B 188 -15.60 -27.85 -9.58
C LEU B 188 -16.74 -28.72 -9.07
N LEU B 189 -17.40 -29.45 -9.99
CA LEU B 189 -18.52 -30.33 -9.69
C LEU B 189 -18.06 -31.52 -8.86
N ASN B 190 -16.80 -31.95 -9.06
CA ASN B 190 -16.19 -33.06 -8.31
C ASN B 190 -15.87 -32.64 -6.91
N ALA B 191 -15.35 -31.40 -6.75
CA ALA B 191 -14.94 -30.78 -5.49
C ALA B 191 -16.07 -30.70 -4.50
N ARG B 192 -17.31 -30.58 -5.02
CA ARG B 192 -18.57 -30.54 -4.30
C ARG B 192 -18.53 -29.60 -3.08
N ALA B 193 -18.20 -28.30 -3.30
CA ALA B 193 -18.33 -27.35 -2.19
C ALA B 193 -19.82 -27.29 -1.81
N ASP B 194 -20.13 -27.00 -0.54
CA ASP B 194 -21.52 -26.94 -0.07
C ASP B 194 -22.27 -25.78 -0.73
N VAL B 195 -21.58 -24.65 -0.90
CA VAL B 195 -22.15 -23.44 -1.51
C VAL B 195 -21.19 -22.88 -2.57
N THR B 196 -21.69 -22.81 -3.82
CA THR B 196 -20.94 -22.26 -4.94
C THR B 196 -21.86 -21.28 -5.65
N LEU B 197 -21.50 -19.99 -5.63
CA LEU B 197 -22.34 -18.96 -6.23
C LEU B 197 -21.49 -18.02 -7.07
N GLY B 198 -21.98 -17.73 -8.27
CA GLY B 198 -21.32 -16.84 -9.20
C GLY B 198 -21.92 -16.85 -10.59
N GLY B 199 -21.06 -16.55 -11.55
CA GLY B 199 -21.41 -16.54 -12.96
C GLY B 199 -20.77 -17.72 -13.66
N GLY B 200 -20.64 -17.60 -14.96
CA GLY B 200 -20.05 -18.65 -15.77
C GLY B 200 -20.98 -19.80 -16.06
N ALA B 201 -22.26 -19.48 -16.36
CA ALA B 201 -23.28 -20.45 -16.72
C ALA B 201 -23.05 -21.04 -18.13
N LYS B 202 -22.44 -20.26 -19.05
CA LYS B 202 -22.22 -20.66 -20.45
C LYS B 202 -21.38 -21.92 -20.59
N THR B 203 -20.39 -22.15 -19.71
CA THR B 203 -19.55 -23.36 -19.80
C THR B 203 -20.36 -24.60 -19.36
N PHE B 204 -21.37 -24.43 -18.49
CA PHE B 204 -22.22 -25.54 -18.04
C PHE B 204 -23.13 -26.04 -19.16
N ALA B 205 -23.13 -25.34 -20.32
CA ALA B 205 -23.91 -25.72 -21.49
C ALA B 205 -23.18 -26.79 -22.29
N GLU B 206 -21.83 -26.80 -22.20
CA GLU B 206 -20.95 -27.79 -22.84
C GLU B 206 -21.24 -29.20 -22.33
N THR B 207 -21.00 -30.24 -23.15
CA THR B 207 -21.22 -31.63 -22.75
C THR B 207 -19.88 -32.30 -22.48
N ALA B 208 -19.86 -33.33 -21.58
CA ALA B 208 -18.63 -34.08 -21.28
C ALA B 208 -18.35 -35.07 -22.39
N THR B 209 -17.07 -35.13 -22.80
CA THR B 209 -16.54 -36.00 -23.84
C THR B 209 -16.38 -37.44 -23.35
N ALA B 210 -16.19 -37.60 -22.02
CA ALA B 210 -15.98 -38.89 -21.36
C ALA B 210 -16.49 -38.87 -19.90
N GLY B 211 -16.16 -39.93 -19.16
CA GLY B 211 -16.58 -40.05 -17.77
C GLY B 211 -18.00 -40.56 -17.59
N GLU B 212 -18.44 -40.59 -16.34
CA GLU B 212 -19.74 -41.09 -15.91
C GLU B 212 -20.94 -40.32 -16.50
N TRP B 213 -20.80 -39.00 -16.80
CA TRP B 213 -21.89 -38.18 -17.35
C TRP B 213 -21.57 -37.70 -18.77
N GLN B 214 -20.96 -38.58 -19.56
CA GLN B 214 -20.61 -38.34 -20.96
C GLN B 214 -21.87 -38.11 -21.79
N GLY B 215 -21.81 -37.13 -22.68
CA GLY B 215 -22.91 -36.78 -23.58
C GLY B 215 -24.00 -35.90 -22.98
N LYS B 216 -23.90 -35.61 -21.67
CA LYS B 216 -24.83 -34.74 -20.94
C LYS B 216 -24.12 -33.44 -20.64
N THR B 217 -24.88 -32.33 -20.62
CA THR B 217 -24.36 -31.00 -20.30
C THR B 217 -23.88 -31.00 -18.86
N LEU B 218 -22.94 -30.10 -18.52
CA LEU B 218 -22.38 -30.03 -17.19
C LEU B 218 -23.45 -29.57 -16.21
N ARG B 219 -24.42 -28.83 -16.75
CA ARG B 219 -25.62 -28.37 -16.06
C ARG B 219 -26.45 -29.59 -15.67
N GLU B 220 -26.62 -30.55 -16.61
CA GLU B 220 -27.34 -31.80 -16.40
C GLU B 220 -26.58 -32.72 -15.45
N GLN B 221 -25.23 -32.79 -15.59
CA GLN B 221 -24.36 -33.58 -14.72
C GLN B 221 -24.59 -33.15 -13.27
N ALA B 222 -24.52 -31.82 -13.00
CA ALA B 222 -24.74 -31.21 -11.69
C ALA B 222 -26.09 -31.65 -11.07
N GLN B 223 -27.17 -31.58 -11.88
CA GLN B 223 -28.53 -31.93 -11.46
C GLN B 223 -28.58 -33.39 -11.08
N ALA B 224 -27.96 -34.26 -11.90
CA ALA B 224 -27.88 -35.71 -11.70
C ALA B 224 -27.04 -36.08 -10.47
N ARG B 225 -26.14 -35.18 -10.03
CA ARG B 225 -25.23 -35.39 -8.91
C ARG B 225 -25.78 -34.82 -7.59
N GLY B 226 -27.06 -34.47 -7.61
CA GLY B 226 -27.80 -33.97 -6.45
C GLY B 226 -27.67 -32.51 -6.11
N TYR B 227 -27.04 -31.66 -6.99
CA TYR B 227 -26.94 -30.21 -6.77
C TYR B 227 -28.27 -29.50 -6.92
N GLN B 228 -28.40 -28.38 -6.20
CA GLN B 228 -29.51 -27.45 -6.26
C GLN B 228 -29.07 -26.35 -7.21
N LEU B 229 -29.85 -26.10 -8.28
CA LEU B 229 -29.46 -25.03 -9.21
C LEU B 229 -30.33 -23.78 -9.04
N VAL B 230 -29.69 -22.66 -8.70
CA VAL B 230 -30.38 -21.37 -8.57
C VAL B 230 -29.76 -20.41 -9.59
N SER B 231 -30.59 -19.51 -10.16
CA SER B 231 -30.16 -18.59 -11.21
C SER B 231 -30.56 -17.12 -10.95
N ASP B 232 -31.31 -16.82 -9.87
CA ASP B 232 -31.70 -15.46 -9.52
C ASP B 232 -31.82 -15.30 -8.01
N ALA B 233 -32.01 -14.07 -7.54
CA ALA B 233 -32.06 -13.76 -6.13
C ALA B 233 -33.29 -14.37 -5.41
N ALA B 234 -34.45 -14.45 -6.09
CA ALA B 234 -35.65 -15.03 -5.50
C ALA B 234 -35.46 -16.53 -5.18
N SER B 235 -34.89 -17.31 -6.12
CA SER B 235 -34.63 -18.73 -5.93
C SER B 235 -33.46 -18.99 -4.96
N LEU B 236 -32.42 -18.14 -5.00
CA LEU B 236 -31.32 -18.26 -4.04
C LEU B 236 -31.88 -18.13 -2.61
N ASN B 237 -32.77 -17.14 -2.40
CA ASN B 237 -33.40 -16.89 -1.12
C ASN B 237 -34.22 -18.09 -0.62
N SER B 238 -34.91 -18.79 -1.54
CA SER B 238 -35.77 -19.93 -1.25
C SER B 238 -35.00 -21.18 -0.74
N VAL B 239 -33.66 -21.21 -0.89
CA VAL B 239 -32.80 -22.31 -0.42
C VAL B 239 -32.79 -22.32 1.12
N THR B 240 -32.94 -23.50 1.75
CA THR B 240 -33.00 -23.60 3.21
C THR B 240 -31.82 -24.38 3.76
N GLU B 241 -31.29 -25.29 2.94
CA GLU B 241 -30.12 -26.06 3.31
C GLU B 241 -29.18 -26.19 2.14
N ALA B 242 -27.90 -26.37 2.44
CA ALA B 242 -26.81 -26.65 1.49
C ALA B 242 -25.77 -27.44 2.25
N ASN B 243 -25.66 -28.72 1.89
CA ASN B 243 -24.79 -29.74 2.49
C ASN B 243 -24.22 -30.65 1.40
N GLN B 244 -23.60 -31.76 1.82
CA GLN B 244 -23.01 -32.70 0.87
C GLN B 244 -24.09 -33.51 0.13
N GLN B 245 -25.31 -33.64 0.70
CA GLN B 245 -26.40 -34.40 0.09
C GLN B 245 -27.09 -33.54 -0.99
N LYS B 246 -27.35 -32.26 -0.65
CA LYS B 246 -27.96 -31.24 -1.51
C LYS B 246 -27.04 -30.01 -1.62
N PRO B 247 -25.94 -30.06 -2.40
CA PRO B 247 -25.04 -28.89 -2.50
C PRO B 247 -25.62 -27.80 -3.38
N LEU B 248 -25.32 -26.52 -3.08
CA LEU B 248 -25.93 -25.45 -3.85
C LEU B 248 -25.00 -24.84 -4.92
N LEU B 249 -25.50 -24.83 -6.17
CA LEU B 249 -24.82 -24.19 -7.28
C LEU B 249 -25.69 -23.02 -7.80
N GLY B 250 -25.13 -21.82 -7.72
CA GLY B 250 -25.78 -20.61 -8.17
C GLY B 250 -25.10 -20.03 -9.38
N LEU B 251 -25.85 -19.94 -10.49
CA LEU B 251 -25.36 -19.40 -11.76
C LEU B 251 -26.22 -18.21 -12.15
N PHE B 252 -25.69 -17.00 -11.89
CA PHE B 252 -26.44 -15.75 -12.04
C PHE B 252 -26.11 -14.96 -13.30
N ALA B 253 -25.21 -15.46 -14.15
CA ALA B 253 -24.84 -14.83 -15.43
C ALA B 253 -24.21 -15.85 -16.35
N ASP B 254 -24.24 -15.58 -17.67
CA ASP B 254 -23.58 -16.42 -18.67
C ASP B 254 -22.08 -16.36 -18.41
N GLY B 255 -21.56 -15.14 -18.26
CA GLY B 255 -20.16 -14.94 -17.93
C GLY B 255 -20.07 -14.23 -16.60
N ASN B 256 -19.51 -13.02 -16.62
CA ASN B 256 -19.40 -12.18 -15.44
C ASN B 256 -20.74 -11.52 -15.15
N MET B 257 -21.12 -11.48 -13.85
CA MET B 257 -22.36 -10.81 -13.43
C MET B 257 -22.20 -9.30 -13.70
N PRO B 258 -23.27 -8.60 -14.20
CA PRO B 258 -23.16 -7.16 -14.56
C PRO B 258 -22.62 -6.29 -13.45
N VAL B 259 -21.83 -5.25 -13.80
CA VAL B 259 -21.30 -4.35 -12.79
C VAL B 259 -22.42 -3.44 -12.26
N ARG B 260 -22.32 -3.01 -10.99
CA ARG B 260 -23.36 -2.20 -10.36
C ARG B 260 -23.41 -0.73 -10.80
N TRP B 261 -22.26 -0.14 -11.18
CA TRP B 261 -22.20 1.27 -11.55
C TRP B 261 -21.82 1.46 -13.00
N LEU B 262 -22.44 2.45 -13.63
CA LEU B 262 -22.19 2.84 -15.00
C LEU B 262 -21.54 4.22 -15.08
N GLY B 263 -20.45 4.29 -15.81
CA GLY B 263 -19.72 5.51 -16.08
C GLY B 263 -19.00 5.34 -17.39
N PRO B 264 -18.50 6.42 -18.03
CA PRO B 264 -17.78 6.22 -19.30
C PRO B 264 -16.38 5.70 -19.07
N LYS B 265 -15.75 5.17 -20.13
CA LYS B 265 -14.38 4.68 -20.09
C LYS B 265 -13.44 5.88 -20.04
N ALA B 266 -12.29 5.76 -19.33
CA ALA B 266 -11.25 6.80 -19.26
C ALA B 266 -10.71 7.05 -20.67
N THR B 267 -10.34 8.29 -20.97
CA THR B 267 -9.87 8.58 -22.33
C THR B 267 -8.59 9.39 -22.29
N TYR B 268 -7.90 9.52 -23.42
CA TYR B 268 -6.68 10.31 -23.53
C TYR B 268 -7.06 11.76 -23.35
N HIS B 269 -6.54 12.39 -22.26
CA HIS B 269 -6.82 13.75 -21.81
C HIS B 269 -8.30 13.89 -21.36
N GLY B 270 -8.88 12.81 -20.86
CA GLY B 270 -10.27 12.79 -20.44
C GLY B 270 -10.57 13.77 -19.32
N ASN B 271 -9.60 13.94 -18.39
CA ASN B 271 -9.74 14.87 -17.26
C ASN B 271 -9.72 16.31 -17.75
N ILE B 272 -9.08 16.59 -18.90
CA ILE B 272 -9.02 17.92 -19.48
C ILE B 272 -10.21 18.16 -20.47
N ASP B 273 -10.36 17.29 -21.48
CA ASP B 273 -11.29 17.37 -22.62
C ASP B 273 -12.74 16.93 -22.33
N LYS B 274 -13.00 16.21 -21.25
CA LYS B 274 -14.35 15.72 -20.94
C LYS B 274 -14.81 16.24 -19.59
N PRO B 275 -16.13 16.37 -19.35
CA PRO B 275 -16.57 16.92 -18.04
C PRO B 275 -16.36 15.91 -16.92
N ALA B 276 -16.32 16.40 -15.67
CA ALA B 276 -16.22 15.53 -14.50
C ALA B 276 -17.39 14.56 -14.52
N VAL B 277 -17.13 13.31 -14.19
CA VAL B 277 -18.12 12.26 -14.23
C VAL B 277 -18.71 11.98 -12.85
N THR B 278 -20.00 11.63 -12.87
CA THR B 278 -20.71 11.20 -11.71
C THR B 278 -21.27 9.82 -12.07
N CYS B 279 -20.92 8.84 -11.27
CA CYS B 279 -21.34 7.44 -11.47
C CYS B 279 -22.82 7.31 -11.25
N THR B 280 -23.43 6.42 -12.03
CA THR B 280 -24.87 6.19 -11.98
C THR B 280 -25.11 4.70 -11.81
N PRO B 281 -26.22 4.25 -11.17
CA PRO B 281 -26.46 2.79 -11.12
C PRO B 281 -26.57 2.25 -12.53
N ASN B 282 -26.05 1.04 -12.76
CA ASN B 282 -26.09 0.41 -14.08
C ASN B 282 -27.54 -0.01 -14.40
N PRO B 283 -28.12 0.61 -15.45
CA PRO B 283 -29.52 0.30 -15.82
C PRO B 283 -29.71 -1.06 -16.45
N GLN B 284 -28.66 -1.61 -17.09
CA GLN B 284 -28.74 -2.92 -17.74
C GLN B 284 -28.86 -4.03 -16.69
N ARG B 285 -28.28 -3.83 -15.48
CA ARG B 285 -28.35 -4.76 -14.36
C ARG B 285 -29.80 -4.94 -13.81
N ASN B 286 -30.31 -6.20 -13.86
CA ASN B 286 -31.63 -6.57 -13.33
C ASN B 286 -31.53 -6.63 -11.82
N ASP B 287 -32.61 -6.28 -11.13
CA ASP B 287 -32.61 -6.31 -9.66
C ASP B 287 -32.60 -7.75 -9.13
N SER B 288 -33.01 -8.71 -9.99
CA SER B 288 -33.04 -10.14 -9.71
C SER B 288 -31.61 -10.75 -9.65
N VAL B 289 -30.56 -10.02 -10.11
CA VAL B 289 -29.16 -10.48 -10.02
C VAL B 289 -28.71 -10.21 -8.59
N PRO B 290 -28.41 -11.22 -7.75
CA PRO B 290 -28.01 -10.92 -6.36
C PRO B 290 -26.66 -10.21 -6.30
N THR B 291 -26.46 -9.43 -5.27
CA THR B 291 -25.21 -8.70 -5.08
C THR B 291 -24.25 -9.58 -4.30
N LEU B 292 -22.96 -9.20 -4.29
CA LEU B 292 -21.96 -9.93 -3.54
C LEU B 292 -22.34 -10.06 -2.06
N ALA B 293 -22.84 -8.99 -1.44
CA ALA B 293 -23.27 -9.04 -0.04
C ALA B 293 -24.44 -9.96 0.13
N GLN B 294 -25.35 -10.01 -0.86
CA GLN B 294 -26.54 -10.86 -0.81
C GLN B 294 -26.15 -12.33 -0.90
N MET B 295 -25.18 -12.65 -1.75
CA MET B 295 -24.65 -13.99 -1.90
C MET B 295 -23.85 -14.39 -0.66
N THR B 296 -23.03 -13.45 -0.13
CA THR B 296 -22.22 -13.64 1.09
C THR B 296 -23.15 -13.96 2.27
N ASP B 297 -24.20 -13.16 2.43
CA ASP B 297 -25.14 -13.32 3.52
C ASP B 297 -25.82 -14.69 3.52
N LYS B 298 -26.29 -15.16 2.34
CA LYS B 298 -26.96 -16.47 2.24
C LYS B 298 -25.94 -17.61 2.46
N ALA B 299 -24.72 -17.48 1.90
CA ALA B 299 -23.67 -18.47 2.11
C ALA B 299 -23.39 -18.58 3.61
N ILE B 300 -23.17 -17.44 4.31
CA ILE B 300 -22.90 -17.41 5.76
C ILE B 300 -24.01 -18.16 6.53
N GLU B 301 -25.26 -17.88 6.18
CA GLU B 301 -26.46 -18.43 6.75
C GLU B 301 -26.47 -19.97 6.67
N LEU B 302 -26.29 -20.52 5.44
CA LEU B 302 -26.28 -21.96 5.16
C LEU B 302 -25.05 -22.68 5.76
N LEU B 303 -23.85 -22.11 5.62
CA LEU B 303 -22.60 -22.71 6.10
C LEU B 303 -22.48 -22.76 7.63
N SER B 304 -23.01 -21.75 8.36
CA SER B 304 -22.95 -21.71 9.82
C SER B 304 -23.85 -22.78 10.49
N LYS B 305 -24.67 -23.51 9.71
CA LYS B 305 -25.47 -24.62 10.24
C LYS B 305 -24.54 -25.80 10.59
N ASN B 306 -23.32 -25.85 9.97
CA ASN B 306 -22.30 -26.87 10.26
C ASN B 306 -21.68 -26.59 11.62
N GLU B 307 -21.94 -27.48 12.58
CA GLU B 307 -21.47 -27.38 13.97
C GLU B 307 -19.93 -27.41 14.09
N LYS B 308 -19.21 -28.05 13.15
CA LYS B 308 -17.76 -28.14 13.22
C LYS B 308 -17.07 -26.89 12.68
N GLY B 309 -17.79 -26.14 11.84
CA GLY B 309 -17.27 -24.91 11.27
C GLY B 309 -17.37 -24.85 9.77
N PHE B 310 -16.89 -23.73 9.18
CA PHE B 310 -16.93 -23.52 7.74
C PHE B 310 -15.79 -22.63 7.22
N PHE B 311 -15.46 -22.79 5.93
CA PHE B 311 -14.53 -21.95 5.19
C PHE B 311 -15.28 -21.33 4.02
N LEU B 312 -15.30 -19.99 3.95
CA LEU B 312 -15.97 -19.25 2.88
C LEU B 312 -15.02 -18.27 2.21
N GLN B 313 -14.95 -18.30 0.86
CA GLN B 313 -14.18 -17.33 0.08
C GLN B 313 -15.15 -16.53 -0.78
N VAL B 314 -14.99 -15.19 -0.74
CA VAL B 314 -15.84 -14.23 -1.43
C VAL B 314 -14.94 -13.39 -2.36
N ALA B 315 -15.24 -13.36 -3.65
CA ALA B 315 -14.42 -12.65 -4.63
C ALA B 315 -15.15 -11.54 -5.37
N GLY B 316 -14.69 -10.29 -5.13
CA GLY B 316 -15.12 -9.08 -5.81
C GLY B 316 -14.22 -9.00 -7.02
N ALA B 317 -14.55 -9.84 -8.00
CA ALA B 317 -13.75 -10.08 -9.19
C ALA B 317 -13.85 -9.00 -10.26
N SER B 318 -14.96 -8.27 -10.34
CA SER B 318 -15.13 -7.29 -11.41
C SER B 318 -14.36 -5.96 -11.12
N ILE B 319 -13.69 -5.82 -9.93
CA ILE B 319 -12.84 -4.65 -9.62
C ILE B 319 -11.73 -4.65 -10.69
N ASP B 320 -11.08 -5.84 -10.87
CA ASP B 320 -10.00 -6.12 -11.79
C ASP B 320 -10.47 -5.86 -13.23
N ALA B 321 -11.65 -6.45 -13.60
CA ALA B 321 -12.24 -6.33 -14.94
C ALA B 321 -12.41 -4.87 -15.36
N GLN B 322 -12.91 -4.03 -14.46
CA GLN B 322 -13.15 -2.62 -14.75
C GLN B 322 -11.85 -1.79 -14.68
N ASP B 323 -10.87 -2.26 -13.91
CA ASP B 323 -9.55 -1.63 -13.88
C ASP B 323 -8.88 -1.87 -15.27
N HIS B 324 -9.04 -3.08 -15.82
CA HIS B 324 -8.55 -3.48 -17.15
C HIS B 324 -9.25 -2.65 -18.23
N ALA B 325 -10.55 -2.40 -18.01
CA ALA B 325 -11.40 -1.66 -18.93
C ALA B 325 -11.23 -0.15 -18.79
N ALA B 326 -10.38 0.31 -17.81
CA ALA B 326 -10.12 1.72 -17.48
C ALA B 326 -11.46 2.45 -17.31
N ASN B 327 -12.31 1.88 -16.44
CA ASN B 327 -13.63 2.41 -16.15
C ASN B 327 -13.73 2.72 -14.66
N PRO B 328 -13.35 3.96 -14.25
CA PRO B 328 -13.35 4.29 -12.81
C PRO B 328 -14.68 4.01 -12.10
N CYS B 329 -15.83 4.30 -12.75
CA CYS B 329 -17.13 4.07 -12.12
C CYS B 329 -17.42 2.60 -11.82
N GLY B 330 -17.24 1.72 -12.82
CA GLY B 330 -17.42 0.29 -12.66
C GLY B 330 -16.50 -0.25 -11.57
N GLN B 331 -15.23 0.19 -11.60
CA GLN B 331 -14.18 -0.18 -10.65
C GLN B 331 -14.52 0.26 -9.21
N ILE B 332 -14.94 1.50 -9.03
CA ILE B 332 -15.30 2.03 -7.71
C ILE B 332 -16.57 1.32 -7.21
N GLY B 333 -17.53 1.14 -8.11
CA GLY B 333 -18.77 0.44 -7.81
C GLY B 333 -18.56 -0.98 -7.29
N GLU B 334 -17.56 -1.69 -7.83
CA GLU B 334 -17.26 -3.06 -7.44
C GLU B 334 -16.51 -3.07 -6.12
N THR B 335 -15.78 -1.98 -5.80
CA THR B 335 -15.09 -1.87 -4.52
C THR B 335 -16.16 -1.61 -3.43
N VAL B 336 -17.20 -0.84 -3.78
CA VAL B 336 -18.33 -0.54 -2.88
C VAL B 336 -19.17 -1.84 -2.69
N ASP B 337 -19.33 -2.62 -3.77
CA ASP B 337 -20.04 -3.90 -3.76
C ASP B 337 -19.33 -4.83 -2.77
N LEU B 338 -17.98 -4.92 -2.85
CA LEU B 338 -17.18 -5.76 -1.96
C LEU B 338 -17.27 -5.23 -0.53
N ASP B 339 -17.27 -3.89 -0.32
CA ASP B 339 -17.34 -3.34 1.03
C ASP B 339 -18.62 -3.84 1.74
N GLU B 340 -19.73 -3.94 1.00
CA GLU B 340 -20.99 -4.39 1.57
C GLU B 340 -20.88 -5.83 2.06
N ALA B 341 -20.15 -6.67 1.29
CA ALA B 341 -19.92 -8.08 1.61
C ALA B 341 -19.00 -8.22 2.83
N VAL B 342 -17.97 -7.34 2.94
CA VAL B 342 -17.02 -7.33 4.06
C VAL B 342 -17.79 -6.98 5.33
N GLN B 343 -18.73 -6.02 5.23
CA GLN B 343 -19.63 -5.62 6.31
C GLN B 343 -20.44 -6.81 6.83
N ARG B 344 -21.02 -7.63 5.92
CA ARG B 344 -21.79 -8.82 6.29
C ARG B 344 -20.92 -9.82 7.07
N ALA B 345 -19.68 -10.04 6.59
CA ALA B 345 -18.70 -10.94 7.17
C ALA B 345 -18.32 -10.50 8.58
N LEU B 346 -18.03 -9.18 8.79
CA LEU B 346 -17.70 -8.64 10.12
C LEU B 346 -18.89 -8.65 11.05
N GLU B 347 -20.10 -8.33 10.54
CA GLU B 347 -21.32 -8.34 11.35
C GLU B 347 -21.46 -9.72 11.99
N PHE B 348 -21.30 -10.74 11.16
CA PHE B 348 -21.34 -12.14 11.54
C PHE B 348 -20.24 -12.49 12.54
N ALA B 349 -18.97 -12.17 12.20
CA ALA B 349 -17.77 -12.51 12.99
C ALA B 349 -17.81 -11.96 14.40
N LYS B 350 -18.24 -10.68 14.56
CA LYS B 350 -18.33 -9.97 15.84
C LYS B 350 -19.33 -10.65 16.78
N LYS B 351 -20.47 -11.10 16.22
CA LYS B 351 -21.55 -11.79 16.92
C LYS B 351 -21.12 -13.23 17.33
N GLU B 352 -20.53 -14.00 16.37
CA GLU B 352 -20.08 -15.39 16.54
C GLU B 352 -18.88 -15.54 17.52
N GLY B 353 -17.85 -14.70 17.36
CA GLY B 353 -16.68 -14.62 18.23
C GLY B 353 -15.46 -15.45 17.89
N ASN B 354 -15.62 -16.50 17.06
CA ASN B 354 -14.54 -17.41 16.66
C ASN B 354 -14.35 -17.42 15.12
N THR B 355 -14.65 -16.32 14.45
CA THR B 355 -14.53 -16.25 13.00
C THR B 355 -13.42 -15.29 12.60
N LEU B 356 -12.50 -15.80 11.78
CA LEU B 356 -11.41 -15.00 11.26
C LEU B 356 -11.80 -14.47 9.89
N VAL B 357 -11.93 -13.15 9.78
CA VAL B 357 -12.26 -12.46 8.54
C VAL B 357 -10.97 -11.82 8.01
N ILE B 358 -10.60 -12.13 6.74
CA ILE B 358 -9.45 -11.58 6.06
C ILE B 358 -9.93 -10.84 4.79
N VAL B 359 -9.41 -9.62 4.55
CA VAL B 359 -9.74 -8.81 3.36
C VAL B 359 -8.43 -8.41 2.68
N THR B 360 -8.25 -8.86 1.44
CA THR B 360 -7.09 -8.52 0.65
C THR B 360 -7.39 -8.60 -0.88
N ALA B 361 -6.33 -8.54 -1.68
CA ALA B 361 -6.37 -8.56 -3.14
C ALA B 361 -5.36 -9.57 -3.63
N ASP B 362 -5.51 -10.04 -4.85
CA ASP B 362 -4.60 -11.02 -5.44
C ASP B 362 -3.33 -10.32 -6.01
N HIS B 363 -3.45 -9.06 -6.42
CA HIS B 363 -2.37 -8.22 -6.97
C HIS B 363 -2.80 -6.77 -7.06
N ALA B 364 -1.85 -5.86 -7.34
CA ALA B 364 -2.24 -4.46 -7.52
C ALA B 364 -2.70 -4.26 -9.01
N HIS B 365 -3.17 -3.08 -9.36
CA HIS B 365 -3.62 -2.86 -10.72
C HIS B 365 -3.13 -1.51 -11.30
N ALA B 366 -3.71 -1.06 -12.43
CA ALA B 366 -3.23 0.10 -13.17
C ALA B 366 -3.62 1.45 -12.58
N SER B 367 -4.92 1.64 -12.22
CA SER B 367 -5.46 2.92 -11.74
C SER B 367 -4.58 3.61 -10.69
N GLN B 368 -4.49 4.93 -10.82
CA GLN B 368 -3.74 5.87 -9.97
C GLN B 368 -4.55 7.12 -9.78
N ILE B 369 -4.53 7.68 -8.57
CA ILE B 369 -5.16 8.95 -8.26
C ILE B 369 -4.08 10.00 -8.54
N VAL B 370 -4.40 10.98 -9.41
CA VAL B 370 -3.47 12.03 -9.84
C VAL B 370 -4.13 13.41 -9.72
N ALA B 371 -3.30 14.48 -9.72
CA ALA B 371 -3.73 15.87 -9.64
C ALA B 371 -4.76 16.19 -10.71
N PRO B 372 -5.77 17.05 -10.43
CA PRO B 372 -6.79 17.36 -11.46
C PRO B 372 -6.25 17.95 -12.78
N ASP B 373 -5.16 18.70 -12.69
CA ASP B 373 -4.55 19.40 -13.82
C ASP B 373 -3.68 18.52 -14.73
N THR B 374 -3.36 17.28 -14.29
CA THR B 374 -2.49 16.32 -14.95
C THR B 374 -2.76 16.09 -16.46
N LYS B 375 -1.68 16.16 -17.27
CA LYS B 375 -1.63 15.86 -18.71
C LYS B 375 -0.80 14.61 -18.81
N ALA B 376 -1.49 13.46 -18.74
CA ALA B 376 -0.94 12.11 -18.75
C ALA B 376 -0.95 11.49 -20.17
N PRO B 377 -0.01 10.55 -20.49
CA PRO B 377 -0.02 9.95 -21.85
C PRO B 377 -1.06 8.84 -22.03
N GLY B 378 -1.57 8.28 -20.91
CA GLY B 378 -2.53 7.20 -20.89
C GLY B 378 -3.97 7.65 -20.93
N LEU B 379 -4.83 6.91 -20.22
CA LEU B 379 -6.25 7.24 -20.17
C LEU B 379 -6.60 7.82 -18.81
N THR B 380 -7.37 8.94 -18.80
CA THR B 380 -7.75 9.66 -17.58
C THR B 380 -9.25 10.01 -17.54
N GLN B 381 -9.72 10.32 -16.33
CA GLN B 381 -11.10 10.74 -16.07
C GLN B 381 -11.21 11.57 -14.78
N ALA B 382 -11.96 12.67 -14.85
CA ALA B 382 -12.23 13.51 -13.68
C ALA B 382 -13.54 13.01 -13.08
N LEU B 383 -13.57 12.77 -11.79
CA LEU B 383 -14.79 12.31 -11.12
C LEU B 383 -15.18 13.29 -10.01
N ASN B 384 -16.49 13.49 -9.83
CA ASN B 384 -17.08 14.34 -8.80
C ASN B 384 -17.31 13.50 -7.60
N THR B 385 -16.48 13.65 -6.54
CA THR B 385 -16.59 12.79 -5.35
C THR B 385 -17.64 13.26 -4.34
N LYS B 386 -17.85 12.47 -3.25
CA LYS B 386 -18.78 12.82 -2.16
C LYS B 386 -18.37 14.13 -1.49
N ASP B 387 -17.07 14.46 -1.48
CA ASP B 387 -16.56 15.71 -0.89
C ASP B 387 -16.98 16.97 -1.67
N GLY B 388 -17.49 16.79 -2.89
CA GLY B 388 -17.84 17.90 -3.76
C GLY B 388 -16.61 18.46 -4.43
N ALA B 389 -15.54 17.65 -4.49
CA ALA B 389 -14.28 17.98 -5.11
C ALA B 389 -14.00 16.98 -6.24
N VAL B 390 -13.16 17.40 -7.19
CA VAL B 390 -12.78 16.59 -8.34
C VAL B 390 -11.55 15.75 -8.02
N MET B 391 -11.64 14.46 -8.39
CA MET B 391 -10.59 13.47 -8.34
C MET B 391 -10.27 13.01 -9.74
N VAL B 392 -8.98 12.98 -10.10
CA VAL B 392 -8.61 12.46 -11.40
C VAL B 392 -7.94 11.11 -11.22
N MET B 393 -8.44 10.12 -11.98
CA MET B 393 -7.91 8.77 -12.04
C MET B 393 -7.26 8.56 -13.38
N SER B 394 -6.08 7.91 -13.37
CA SER B 394 -5.23 7.66 -14.52
C SER B 394 -4.89 6.17 -14.70
N TYR B 395 -4.76 5.74 -15.97
CA TYR B 395 -4.42 4.40 -16.43
C TYR B 395 -3.32 4.57 -17.48
N GLY B 396 -2.07 4.44 -17.08
CA GLY B 396 -0.97 4.72 -18.00
C GLY B 396 0.10 3.67 -18.13
N ASN B 397 -0.29 2.39 -18.03
CA ASN B 397 0.70 1.32 -18.15
C ASN B 397 0.43 0.40 -19.38
N SER B 398 -0.48 0.78 -20.31
CA SER B 398 -0.74 -0.04 -21.50
C SER B 398 -1.34 0.74 -22.65
N GLU B 399 -0.79 0.52 -23.86
CA GLU B 399 -1.30 1.09 -25.10
C GLU B 399 -2.31 0.13 -25.75
N GLU B 400 -2.40 -1.10 -25.22
CA GLU B 400 -3.37 -2.10 -25.69
C GLU B 400 -4.74 -1.81 -25.06
N ASP B 401 -5.80 -2.49 -25.52
CA ASP B 401 -7.14 -2.20 -25.02
C ASP B 401 -7.38 -2.64 -23.56
N SER B 402 -6.40 -3.31 -22.94
CA SER B 402 -6.50 -3.74 -21.55
C SER B 402 -5.41 -3.10 -20.68
N GLN B 403 -5.78 -2.49 -19.54
CA GLN B 403 -4.82 -1.89 -18.59
C GLN B 403 -4.23 -3.03 -17.79
N GLU B 404 -2.97 -2.95 -17.34
CA GLU B 404 -2.38 -4.15 -16.72
CA GLU B 404 -2.32 -4.12 -16.73
C GLU B 404 -2.16 -4.07 -15.21
N HIS B 405 -2.00 -5.26 -14.61
CA HIS B 405 -1.75 -5.48 -13.19
C HIS B 405 -0.43 -4.86 -12.83
N THR B 406 -0.24 -4.48 -11.56
CA THR B 406 1.04 -3.96 -11.12
C THR B 406 1.52 -4.88 -9.98
N GLY B 407 2.83 -4.89 -9.78
CA GLY B 407 3.48 -5.75 -8.81
C GLY B 407 3.69 -5.18 -7.42
N SER B 408 3.21 -3.97 -7.15
CA SER B 408 3.34 -3.37 -5.83
C SER B 408 2.76 -4.26 -4.71
N GLN B 409 3.46 -4.35 -3.56
CA GLN B 409 2.93 -5.05 -2.38
C GLN B 409 1.63 -4.31 -1.97
N LEU B 410 0.68 -5.01 -1.36
CA LEU B 410 -0.58 -4.35 -1.04
C LEU B 410 -1.11 -4.75 0.31
N ARG B 411 -2.16 -4.07 0.76
CA ARG B 411 -2.80 -4.27 2.04
C ARG B 411 -3.44 -5.63 2.18
N ILE B 412 -3.22 -6.23 3.34
CA ILE B 412 -3.88 -7.42 3.85
C ILE B 412 -4.37 -6.98 5.22
N ALA B 413 -5.66 -7.18 5.47
CA ALA B 413 -6.31 -6.80 6.73
C ALA B 413 -7.05 -7.99 7.29
N ALA B 414 -7.16 -8.08 8.63
CA ALA B 414 -7.84 -9.20 9.26
C ALA B 414 -8.43 -8.86 10.62
N TYR B 415 -9.46 -9.65 11.00
CA TYR B 415 -10.17 -9.57 12.25
C TYR B 415 -10.43 -10.98 12.77
N GLY B 416 -10.26 -11.19 14.07
CA GLY B 416 -10.58 -12.47 14.69
C GLY B 416 -9.42 -13.34 15.13
N PRO B 417 -9.66 -14.64 15.40
CA PRO B 417 -8.55 -15.52 15.82
C PRO B 417 -7.45 -15.61 14.77
N HIS B 418 -6.15 -15.62 15.22
CA HIS B 418 -4.96 -15.74 14.38
C HIS B 418 -4.75 -14.55 13.39
N ALA B 419 -5.51 -13.46 13.54
CA ALA B 419 -5.43 -12.30 12.64
C ALA B 419 -4.07 -11.58 12.73
N ALA B 420 -3.31 -11.79 13.83
CA ALA B 420 -1.98 -11.21 14.02
C ALA B 420 -1.01 -11.63 12.91
N ASN B 421 -1.32 -12.75 12.23
CA ASN B 421 -0.45 -13.32 11.20
C ASN B 421 -0.47 -12.57 9.87
N VAL B 422 -1.22 -11.48 9.76
CA VAL B 422 -1.25 -10.68 8.52
C VAL B 422 -0.46 -9.38 8.73
N VAL B 423 -0.13 -9.05 9.99
CA VAL B 423 0.57 -7.84 10.38
C VAL B 423 2.04 -7.95 9.93
N GLY B 424 2.60 -6.81 9.53
CA GLY B 424 3.96 -6.71 9.02
C GLY B 424 3.98 -7.14 7.57
N LEU B 425 5.18 -7.46 7.05
CA LEU B 425 5.36 -7.91 5.68
C LEU B 425 5.22 -9.42 5.62
N THR B 426 4.31 -9.93 4.76
CA THR B 426 4.14 -11.37 4.59
C THR B 426 4.09 -11.68 3.08
N ASP B 427 3.93 -12.96 2.77
CA ASP B 427 3.77 -13.41 1.40
C ASP B 427 2.35 -13.96 1.23
N GLN B 428 1.84 -13.88 0.01
CA GLN B 428 0.54 -14.42 -0.35
C GLN B 428 0.40 -15.90 0.09
N THR B 429 1.52 -16.66 0.04
CA THR B 429 1.57 -18.06 0.44
C THR B 429 1.48 -18.21 1.96
N ASP B 430 1.95 -17.21 2.75
CA ASP B 430 1.82 -17.20 4.21
C ASP B 430 0.35 -17.25 4.60
N LEU B 431 -0.52 -16.67 3.77
CA LEU B 431 -1.97 -16.60 3.98
C LEU B 431 -2.54 -18.02 4.02
N PHE B 432 -2.06 -18.91 3.13
CA PHE B 432 -2.50 -20.30 3.13
C PHE B 432 -2.23 -20.97 4.47
N TYR B 433 -0.99 -20.82 4.96
CA TYR B 433 -0.54 -21.43 6.20
C TYR B 433 -1.24 -20.79 7.40
N THR B 434 -1.51 -19.47 7.34
CA THR B 434 -2.23 -18.73 8.39
C THR B 434 -3.63 -19.31 8.59
N MET B 435 -4.31 -19.59 7.46
CA MET B 435 -5.64 -20.15 7.39
C MET B 435 -5.62 -21.60 7.89
N LYS B 436 -4.69 -22.39 7.37
CA LYS B 436 -4.52 -23.82 7.73
C LYS B 436 -4.39 -23.98 9.25
N ALA B 437 -3.47 -23.20 9.86
CA ALA B 437 -3.19 -23.21 11.28
C ALA B 437 -4.41 -22.77 12.11
N ALA B 438 -5.07 -21.67 11.70
CA ALA B 438 -6.26 -21.09 12.34
C ALA B 438 -7.41 -22.09 12.47
N LEU B 439 -7.61 -22.92 11.42
CA LEU B 439 -8.67 -23.94 11.40
C LEU B 439 -8.15 -25.30 11.93
N GLY B 440 -6.84 -25.39 12.18
CA GLY B 440 -6.19 -26.60 12.66
C GLY B 440 -6.35 -27.75 11.70
N LEU B 441 -6.24 -27.45 10.40
CA LEU B 441 -6.35 -28.40 9.32
C LEU B 441 -5.03 -29.13 9.14
N LYS B 442 -5.07 -30.30 8.52
CA LYS B 442 -3.94 -31.16 8.20
C LYS B 442 -3.91 -31.43 6.69
N TRP B 443 -2.72 -31.69 6.12
CA TRP B 443 -2.58 -31.95 4.68
C TRP B 443 -3.37 -33.21 4.30
N SER B 444 -4.25 -33.06 3.30
CA SER B 444 -5.10 -34.14 2.76
C SER B 444 -5.50 -33.83 1.32
N HIS B 445 -5.62 -34.90 0.47
CA HIS B 445 -6.03 -34.80 -0.93
C HIS B 445 -6.65 -36.13 -1.41
ZN ZN C . 7.07 14.50 -1.28
ZN ZN D . 7.60 15.38 -5.29
ZN ZN E . 6.84 28.14 14.97
P PO4 F . 7.88 17.67 -3.72
O1 PO4 F . 6.51 18.08 -3.24
O2 PO4 F . 8.30 16.46 -2.91
O3 PO4 F . 8.86 18.79 -3.49
O4 PO4 F . 7.80 17.36 -5.22
ZN ZN G . 28.79 5.31 14.19
ZN ZN H . -6.53 -10.69 -10.48
ZN ZN I . -6.67 -8.95 -14.28
ZN ZN J . -7.56 -31.45 -5.68
P PO4 K . -6.75 -11.89 -14.40
O1 PO4 K . -6.65 -10.82 -13.33
O2 PO4 K . -7.42 -13.02 -13.65
O3 PO4 K . -5.38 -12.27 -14.92
O4 PO4 K . -7.58 -11.46 -15.59
#